data_9V0U
#
_entry.id   9V0U
#
_cell.length_a   1.00
_cell.length_b   1.00
_cell.length_c   1.00
_cell.angle_alpha   90.00
_cell.angle_beta   90.00
_cell.angle_gamma   90.00
#
_symmetry.space_group_name_H-M   'P 1'
#
loop_
_entity.id
_entity.type
_entity.pdbx_description
1 polymer 'Adhesion G-protein coupled receptor D1'
2 polymer 'Guanine nucleotide-binding protein subunit alpha-13,Isoform 2 of Guanine nucleotide-binding protein subunit alpha-13'
3 polymer 'Guanine nucleotide-binding protein G(I)/G(S)/G(O) subunit gamma-2'
4 polymer 'Guanine nucleotide-binding protein G(I)/G(S)/G(T) subunit beta-1'
#
loop_
_entity_poly.entity_id
_entity_poly.type
_entity_poly.pdbx_seq_one_letter_code
_entity_poly.pdbx_strand_id
1 'polypeptide(L)'
;HPIITNLTEERKTFQSPGVILSYLQNVSLSLPSKSLSEQTALNLTKTFLKAVGEILLLPGWIALSEDSAVVLSLIDTIDT
VMGHVSSNLHGSTPQVTVEGSSAMAEFSVAKILPKTVNSSHYRFPAHGQSFIQIPHEAFHRHAWSTVVGLLYHSMHYYLN
NIWPAHTKIAEAMHHQDCLLFATSHLISLEVSPPPTLSQNLSGSPLITVHLKHRLTRKQHSEATNSSNRVFVYCAFLDFS
SGEGVWSNHGCALTRGNLTYSVCRCTHLTNFAILMQVVPLELARGHQVALSSISYVGCSLSVLCLVATLVTFAVLSSVST
IRNQRYHIHANLSFAVLVAQVLLLISFRLEPGTTPCQVMAVLLHYFFLSAFAWMLVEGLHLYSMVIKVFGSEDSKHRYYY
GMGWGFPLLICIISLSFAMDSYGTSNNCWLSLASGAIWAFVAPALFVIVVNIGILIAVTRVISQISADNYKIHGDPSAFK
LTAKAVAVLLPILGTSWVFGVLAVNGCAVVFQYMFATLNSLQGLFIFLFHCLLNSEVRAAFKHKTKVWSLTSSSARTSNA
KPFHSDLMNGTRPGMASTKLSPWDKSSHSAHRVDLSAV
;
R
2 'polypeptide(L)'
;MMGSTVSAEDKAAAERSKEIDKCLSREKTYVKRLVKILLLGADNSGKSTFLKQMRIIHGGSGGSGGTKGIHEYDFEIKNV
PFKMVDVGGQRSERKRWFECFDSVTSILFLVDSSDFNRLTESLNDFETIVNNRVFSNVSIILFLNKTDLLEEKVQIVSIK
DYFLEFEGDPHCLRDVQKFLVECFRNKRRDQQQKPLYHHFTTAINTENARLIFRDVKDTILHDNLKQLMLQ
;
A
3 'polypeptide(L)' MASNNTASIAQARKLVEQLKMEANIDRIKVSKAAADLMAYCEAHAKEDPLLTPVPASENPFREKKFFCAIL G
4 'polypeptide(L)'
;GSLLQSELDQLRQEAEQLKNQIRDARKACADATLSQITNNIDPVGRIQMRTRRTLRGHLAKIYAMHWGTDSRLLVSASQD
GKLIIWDSYTTNKVHAIPLRSSWVMTCAYAPSGNYVACGGLDNICSIYNLKTREGNVRVSRELAGHTGYLSCCRFLDDNQ
IVTSSGDTTCALWDIETGQQTTTFTGHTGDVMSLSLAPDTRLFVSGACDASAKLWDVREGMCRQTFTGHESDINAICFFP
NGNAFATGSDDATCRLFDLRADQELMTYSHDNIICGITSVSFSKSGRLLLAGYDDFNCNVWDALKADRAGVLAGHDNRVS
CLGVTDDGMAVATGSWDSFLKIWN
;
C
#
# COMPACT_ATOMS: atom_id res chain seq x y z
N ASN A 270 -5.56 13.67 47.81
CA ASN A 270 -6.11 12.74 46.84
C ASN A 270 -6.20 13.42 45.47
N PHE A 271 -6.31 12.59 44.43
CA PHE A 271 -6.43 13.11 43.07
C PHE A 271 -7.69 13.94 42.90
N ALA A 272 -8.68 13.76 43.77
CA ALA A 272 -9.96 14.44 43.63
C ALA A 272 -9.88 15.94 43.84
N ILE A 273 -8.73 16.42 44.31
CA ILE A 273 -8.56 17.85 44.55
C ILE A 273 -8.55 18.62 43.25
N LEU A 274 -8.28 17.92 42.15
CA LEU A 274 -8.17 18.62 40.87
C LEU A 274 -9.43 19.37 40.50
N MET A 275 -10.60 18.78 40.76
CA MET A 275 -11.85 19.40 40.34
C MET A 275 -12.61 20.09 41.47
N GLN A 276 -12.09 20.03 42.68
CA GLN A 276 -12.79 20.62 43.81
C GLN A 276 -13.06 22.09 43.58
N VAL A 277 -14.28 22.52 43.83
CA VAL A 277 -14.60 23.93 43.70
C VAL A 277 -15.37 24.40 44.93
N VAL A 278 -15.77 23.46 45.78
CA VAL A 278 -16.45 23.81 47.02
C VAL A 278 -15.64 23.23 48.18
N PRO A 279 -15.17 24.04 49.11
CA PRO A 279 -14.29 23.51 50.17
C PRO A 279 -15.04 22.66 51.16
N LEU A 280 -15.31 21.41 50.81
CA LEU A 280 -16.00 20.49 51.71
C LEU A 280 -14.98 19.68 52.50
N GLU A 281 -15.33 19.37 53.74
CA GLU A 281 -14.50 18.53 54.58
C GLU A 281 -14.88 17.07 54.38
N LEU A 282 -13.92 16.19 54.63
CA LEU A 282 -14.11 14.76 54.45
C LEU A 282 -13.53 14.03 55.65
N ALA A 283 -14.10 12.87 55.96
CA ALA A 283 -13.69 12.10 57.12
C ALA A 283 -12.24 11.65 57.04
N ARG A 284 -11.44 12.01 58.05
CA ARG A 284 -10.04 11.62 58.06
C ARG A 284 -9.86 10.12 57.93
N GLY A 285 -10.79 9.33 58.48
CA GLY A 285 -10.76 7.91 58.28
C GLY A 285 -10.91 7.52 56.82
N HIS A 286 -11.81 8.20 56.12
CA HIS A 286 -12.01 7.98 54.69
C HIS A 286 -11.00 8.75 53.83
N GLN A 287 -10.24 9.67 54.42
CA GLN A 287 -9.25 10.41 53.65
C GLN A 287 -8.19 9.49 53.08
N VAL A 288 -7.77 8.48 53.86
CA VAL A 288 -6.85 7.49 53.34
C VAL A 288 -7.49 6.69 52.23
N ALA A 289 -8.79 6.41 52.34
CA ALA A 289 -9.48 5.62 51.32
C ALA A 289 -9.42 6.30 49.96
N LEU A 290 -9.68 7.61 49.92
CA LEU A 290 -9.53 8.33 48.66
C LEU A 290 -8.07 8.47 48.26
N SER A 291 -7.19 8.67 49.25
CA SER A 291 -5.76 8.78 48.94
C SER A 291 -5.17 7.44 48.51
N SER A 292 -5.64 6.34 49.10
CA SER A 292 -5.13 5.03 48.72
C SER A 292 -5.47 4.72 47.26
N ILE A 293 -6.72 4.99 46.87
CA ILE A 293 -7.10 4.74 45.48
C ILE A 293 -6.40 5.72 44.55
N SER A 294 -6.21 6.96 45.00
CA SER A 294 -5.47 7.94 44.21
C SER A 294 -4.01 7.50 44.05
N TYR A 295 -3.42 6.98 45.11
CA TYR A 295 -2.04 6.50 45.03
C TYR A 295 -1.91 5.39 44.01
N VAL A 296 -2.60 4.27 44.23
CA VAL A 296 -2.49 3.13 43.32
C VAL A 296 -3.05 3.48 41.95
N GLY A 297 -4.12 4.26 41.90
CA GLY A 297 -4.70 4.62 40.63
C GLY A 297 -3.77 5.45 39.77
N CYS A 298 -3.15 6.47 40.36
CA CYS A 298 -2.24 7.32 39.60
C CYS A 298 -0.89 6.65 39.38
N SER A 299 -0.49 5.73 40.26
CA SER A 299 0.79 5.05 40.08
C SER A 299 0.75 4.12 38.88
N LEU A 300 -0.29 3.29 38.78
CA LEU A 300 -0.42 2.42 37.62
C LEU A 300 -0.57 3.22 36.33
N SER A 301 -1.31 4.33 36.38
CA SER A 301 -1.50 5.15 35.20
C SER A 301 -0.18 5.69 34.66
N VAL A 302 0.85 5.76 35.50
CA VAL A 302 2.17 6.17 35.03
C VAL A 302 2.89 5.00 34.38
N LEU A 303 3.09 3.93 35.14
CA LEU A 303 3.84 2.78 34.63
C LEU A 303 3.14 2.14 33.44
N CYS A 304 1.81 2.02 33.51
CA CYS A 304 1.07 1.45 32.41
C CYS A 304 1.12 2.32 31.16
N LEU A 305 1.35 3.63 31.32
CA LEU A 305 1.57 4.50 30.18
C LEU A 305 3.01 4.46 29.69
N VAL A 306 3.95 3.98 30.51
CA VAL A 306 5.34 3.87 30.07
C VAL A 306 5.44 2.90 28.89
N ALA A 307 4.73 1.77 28.98
CA ALA A 307 4.73 0.83 27.88
C ALA A 307 4.11 1.44 26.63
N THR A 308 3.12 2.33 26.80
CA THR A 308 2.44 2.91 25.65
C THR A 308 3.38 3.76 24.80
N LEU A 309 4.23 4.56 25.46
CA LEU A 309 5.12 5.45 24.72
C LEU A 309 6.18 4.67 23.96
N VAL A 310 6.79 3.66 24.61
CA VAL A 310 7.86 2.91 23.95
C VAL A 310 7.30 2.06 22.82
N THR A 311 6.14 1.44 23.03
CA THR A 311 5.59 0.57 22.01
C THR A 311 5.14 1.34 20.77
N PHE A 312 4.85 2.65 20.91
CA PHE A 312 4.54 3.45 19.74
C PHE A 312 5.81 3.81 18.98
N ALA A 313 6.91 4.02 19.71
CA ALA A 313 8.18 4.33 19.06
C ALA A 313 8.77 3.12 18.36
N VAL A 314 8.74 1.96 19.03
CA VAL A 314 9.36 0.76 18.46
C VAL A 314 8.56 0.28 17.25
N LEU A 315 7.24 0.39 17.32
CA LEU A 315 6.37 -0.03 16.23
C LEU A 315 6.17 1.06 15.18
N SER A 316 6.94 2.15 15.27
CA SER A 316 6.81 3.24 14.30
C SER A 316 7.44 2.91 12.95
N SER A 317 7.80 1.65 12.71
CA SER A 317 8.46 1.26 11.48
C SER A 317 7.46 0.92 10.39
N VAL A 318 6.16 1.09 10.67
CA VAL A 318 5.11 0.66 9.77
C VAL A 318 4.11 1.80 9.57
N SER A 319 3.35 1.72 8.49
CA SER A 319 2.44 2.80 8.13
C SER A 319 1.20 2.81 9.01
N THR A 320 0.76 1.64 9.49
CA THR A 320 -0.44 1.55 10.28
C THR A 320 -0.27 2.29 11.62
N ILE A 321 0.97 2.51 12.03
CA ILE A 321 1.25 3.25 13.25
C ILE A 321 1.54 4.72 12.94
N ARG A 322 2.50 4.97 12.05
CA ARG A 322 2.79 6.34 11.67
C ARG A 322 1.58 6.94 10.96
N ASN A 323 0.95 7.92 11.59
CA ASN A 323 -0.30 8.49 11.08
C ASN A 323 -0.50 9.82 11.79
N GLN A 324 -1.51 10.57 11.33
CA GLN A 324 -1.82 11.85 11.93
C GLN A 324 -2.40 11.71 13.33
N ARG A 325 -3.02 10.56 13.62
CA ARG A 325 -3.70 10.36 14.89
C ARG A 325 -2.78 9.84 15.97
N TYR A 326 -1.98 8.85 15.63
CA TYR A 326 -1.10 8.28 16.64
C TYR A 326 -0.13 9.30 17.24
N HIS A 327 0.07 10.43 16.57
CA HIS A 327 0.72 11.54 17.24
C HIS A 327 -0.16 12.12 18.33
N ILE A 328 -1.49 12.08 18.13
CA ILE A 328 -2.41 12.57 19.15
C ILE A 328 -2.38 11.67 20.38
N HIS A 329 -2.47 10.35 20.17
CA HIS A 329 -2.47 9.42 21.29
C HIS A 329 -1.14 9.45 22.05
N ALA A 330 -0.02 9.46 21.31
CA ALA A 330 1.28 9.49 21.97
C ALA A 330 1.48 10.78 22.75
N ASN A 331 1.16 11.91 22.14
CA ASN A 331 1.32 13.19 22.83
C ASN A 331 0.40 13.29 24.04
N LEU A 332 -0.86 12.84 23.90
CA LEU A 332 -1.74 12.77 25.05
C LEU A 332 -1.19 11.79 26.08
N SER A 333 -0.69 10.65 25.64
CA SER A 333 -0.14 9.67 26.57
C SER A 333 1.04 10.26 27.34
N PHE A 334 1.94 10.95 26.64
CA PHE A 334 3.09 11.55 27.32
C PHE A 334 2.67 12.70 28.23
N ALA A 335 1.71 13.51 27.80
CA ALA A 335 1.26 14.63 28.63
C ALA A 335 0.64 14.12 29.92
N VAL A 336 -0.22 13.10 29.84
CA VAL A 336 -0.77 12.51 31.05
C VAL A 336 0.31 11.74 31.80
N LEU A 337 1.25 11.12 31.08
CA LEU A 337 2.31 10.36 31.74
C LEU A 337 3.08 11.24 32.72
N VAL A 338 3.57 12.39 32.25
CA VAL A 338 4.33 13.27 33.13
C VAL A 338 3.41 13.89 34.18
N ALA A 339 2.21 14.30 33.78
CA ALA A 339 1.29 14.95 34.72
C ALA A 339 0.93 14.02 35.87
N GLN A 340 0.75 12.75 35.58
CA GLN A 340 0.43 11.83 36.64
C GLN A 340 1.61 11.68 37.57
N VAL A 341 2.76 11.32 37.01
CA VAL A 341 3.92 11.08 37.85
C VAL A 341 4.36 12.35 38.57
N LEU A 342 4.17 13.51 37.95
CA LEU A 342 4.47 14.76 38.62
C LEU A 342 3.53 15.02 39.78
N LEU A 343 2.37 14.38 39.79
CA LEU A 343 1.41 14.56 40.88
C LEU A 343 1.81 13.79 42.13
N LEU A 344 2.42 12.61 41.97
CA LEU A 344 2.82 11.82 43.13
C LEU A 344 3.82 12.57 43.99
N ILE A 345 4.81 13.22 43.37
CA ILE A 345 5.78 13.98 44.13
C ILE A 345 5.17 15.26 44.67
N SER A 346 4.09 15.75 44.06
CA SER A 346 3.44 16.95 44.58
C SER A 346 2.66 16.68 45.85
N PHE A 347 2.18 15.45 46.05
CA PHE A 347 1.52 15.09 47.29
C PHE A 347 2.48 15.19 48.48
N ARG A 348 3.54 14.38 48.46
CA ARG A 348 4.40 14.25 49.63
C ARG A 348 5.18 15.53 49.90
N LEU A 349 5.42 16.33 48.86
CA LEU A 349 6.21 17.54 48.99
C LEU A 349 5.55 18.51 49.97
N GLU A 350 6.36 19.15 50.81
CA GLU A 350 5.89 20.01 51.88
C GLU A 350 5.01 21.14 51.37
N PRO A 351 3.75 21.22 51.81
CA PRO A 351 2.85 22.25 51.30
C PRO A 351 3.30 23.64 51.71
N GLY A 352 3.05 24.61 50.82
CA GLY A 352 3.28 26.01 51.11
C GLY A 352 4.69 26.49 50.85
N THR A 353 5.65 25.59 50.70
CA THR A 353 7.04 25.99 50.50
C THR A 353 7.25 26.47 49.07
N THR A 354 8.40 27.10 48.84
CA THR A 354 8.74 27.57 47.49
C THR A 354 8.83 26.45 46.48
N PRO A 355 9.48 25.31 46.75
CA PRO A 355 9.42 24.20 45.78
C PRO A 355 8.00 23.74 45.47
N CYS A 356 7.10 23.82 46.45
CA CYS A 356 5.68 23.57 46.17
C CYS A 356 5.16 24.56 45.14
N GLN A 357 5.51 25.83 45.29
CA GLN A 357 5.14 26.82 44.28
C GLN A 357 5.96 26.64 43.00
N VAL A 358 7.14 26.05 43.10
CA VAL A 358 7.97 25.86 41.92
C VAL A 358 7.32 24.88 40.94
N MET A 359 6.84 23.75 41.46
CA MET A 359 6.43 22.65 40.59
C MET A 359 4.92 22.54 40.45
N ALA A 360 4.13 23.29 41.21
CA ALA A 360 2.69 23.21 41.04
C ALA A 360 2.20 24.02 39.84
N VAL A 361 3.05 24.88 39.27
CA VAL A 361 2.72 25.46 37.97
C VAL A 361 2.72 24.38 36.91
N LEU A 362 3.64 23.43 37.00
CA LEU A 362 3.78 22.40 35.98
C LEU A 362 2.58 21.46 35.95
N LEU A 363 1.98 21.18 37.11
CA LEU A 363 0.75 20.39 37.12
C LEU A 363 -0.37 21.10 36.37
N HIS A 364 -0.51 22.40 36.60
CA HIS A 364 -1.56 23.16 35.94
C HIS A 364 -1.36 23.17 34.43
N TYR A 365 -0.11 23.29 33.98
CA TYR A 365 0.15 23.34 32.55
C TYR A 365 -0.04 21.97 31.91
N PHE A 366 0.49 20.92 32.53
CA PHE A 366 0.48 19.61 31.88
C PHE A 366 -0.94 19.02 31.83
N PHE A 367 -1.71 19.18 32.90
CA PHE A 367 -3.09 18.73 32.87
C PHE A 367 -3.91 19.52 31.86
N LEU A 368 -3.67 20.84 31.78
CA LEU A 368 -4.30 21.62 30.72
C LEU A 368 -3.83 21.16 29.35
N SER A 369 -2.54 20.83 29.23
CA SER A 369 -2.05 20.20 28.01
C SER A 369 -2.63 18.80 27.84
N ALA A 370 -2.82 18.07 28.94
CA ALA A 370 -3.47 16.77 28.85
C ALA A 370 -4.90 16.90 28.35
N PHE A 371 -5.64 17.89 28.84
CA PHE A 371 -7.00 18.12 28.36
C PHE A 371 -7.01 18.66 26.94
N ALA A 372 -6.01 19.45 26.56
CA ALA A 372 -5.96 19.97 25.21
C ALA A 372 -5.83 18.85 24.19
N TRP A 373 -5.10 17.79 24.54
CA TRP A 373 -4.96 16.66 23.63
C TRP A 373 -6.22 15.81 23.59
N MET A 374 -6.99 15.81 24.67
CA MET A 374 -8.31 15.16 24.62
C MET A 374 -9.22 15.85 23.62
N LEU A 375 -9.22 17.19 23.61
CA LEU A 375 -10.00 17.93 22.63
C LEU A 375 -9.47 17.71 21.22
N VAL A 376 -8.14 17.68 21.06
CA VAL A 376 -7.55 17.38 19.77
C VAL A 376 -7.99 16.00 19.30
N GLU A 377 -7.97 15.02 20.20
CA GLU A 377 -8.53 13.71 19.90
C GLU A 377 -10.02 13.81 19.61
N GLY A 378 -10.73 14.66 20.36
CA GLY A 378 -12.13 14.87 20.10
C GLY A 378 -12.38 15.54 18.76
N LEU A 379 -11.59 16.56 18.44
CA LEU A 379 -11.74 17.23 17.15
C LEU A 379 -11.29 16.35 15.99
N HIS A 380 -10.56 15.28 16.26
CA HIS A 380 -10.20 14.34 15.21
C HIS A 380 -11.23 13.23 15.03
N LEU A 381 -11.92 12.85 16.11
CA LEU A 381 -13.07 11.97 15.98
C LEU A 381 -14.14 12.59 15.10
N TYR A 382 -14.30 13.91 15.16
CA TYR A 382 -15.31 14.58 14.34
C TYR A 382 -14.95 14.48 12.86
N SER A 383 -13.70 14.83 12.51
CA SER A 383 -13.32 14.89 11.11
C SER A 383 -13.26 13.52 10.45
N MET A 384 -13.30 12.44 11.23
CA MET A 384 -13.25 11.09 10.68
C MET A 384 -14.60 10.42 10.59
N VAL A 385 -15.63 10.94 11.25
CA VAL A 385 -16.90 10.24 11.43
C VAL A 385 -18.07 11.02 10.85
N ILE A 386 -18.12 12.32 11.14
CA ILE A 386 -19.19 13.17 10.61
C ILE A 386 -18.73 14.08 9.49
N LYS A 387 -17.42 14.32 9.37
CA LYS A 387 -16.86 15.11 8.28
C LYS A 387 -15.89 14.22 7.51
N VAL A 388 -16.35 13.01 7.15
CA VAL A 388 -15.48 11.90 6.79
C VAL A 388 -14.51 12.29 5.69
N PHE A 389 -14.98 12.97 4.65
CA PHE A 389 -14.10 13.40 3.58
C PHE A 389 -13.05 14.37 4.13
N GLY A 390 -11.80 14.15 3.76
CA GLY A 390 -10.70 14.96 4.27
C GLY A 390 -10.17 14.55 5.61
N SER A 391 -10.57 13.39 6.14
CA SER A 391 -10.10 12.92 7.43
C SER A 391 -8.63 12.54 7.43
N GLU A 392 -8.02 12.43 6.25
CA GLU A 392 -6.63 12.02 6.12
C GLU A 392 -5.68 13.17 5.80
N ASP A 393 -6.21 14.34 5.45
CA ASP A 393 -5.36 15.49 5.20
C ASP A 393 -4.62 15.89 6.47
N SER A 394 -3.32 16.13 6.34
CA SER A 394 -2.50 16.47 7.50
C SER A 394 -2.87 17.84 8.03
N LYS A 395 -3.03 17.94 9.35
CA LYS A 395 -3.35 19.20 10.01
C LYS A 395 -2.51 19.36 11.27
N HIS A 396 -1.24 18.95 11.22
CA HIS A 396 -0.37 19.03 12.38
C HIS A 396 -0.11 20.47 12.81
N ARG A 397 -0.22 21.43 11.90
CA ARG A 397 0.07 22.82 12.24
C ARG A 397 -0.86 23.35 13.31
N TYR A 398 -2.05 22.77 13.47
CA TYR A 398 -2.96 23.17 14.53
C TYR A 398 -3.03 22.17 15.67
N TYR A 399 -2.86 20.88 15.39
CA TYR A 399 -2.93 19.87 16.45
C TYR A 399 -1.82 20.06 17.46
N TYR A 400 -0.59 20.33 16.99
CA TYR A 400 0.48 20.69 17.90
C TYR A 400 0.25 22.06 18.51
N GLY A 401 -0.34 22.97 17.76
CA GLY A 401 -0.61 24.31 18.23
C GLY A 401 -1.51 24.36 19.45
N MET A 402 -2.77 23.96 19.28
CA MET A 402 -3.70 23.97 20.40
C MET A 402 -3.37 22.87 21.41
N GLY A 403 -2.58 21.87 21.01
CA GLY A 403 -2.19 20.83 21.95
C GLY A 403 -1.29 21.35 23.06
N TRP A 404 -0.39 22.25 22.74
CA TRP A 404 0.52 22.80 23.73
C TRP A 404 0.52 24.32 23.79
N GLY A 405 0.39 24.99 22.64
CA GLY A 405 0.45 26.44 22.65
C GLY A 405 -0.71 27.08 23.41
N PHE A 406 -1.93 26.60 23.18
CA PHE A 406 -3.07 27.12 23.92
C PHE A 406 -2.94 26.89 25.43
N PRO A 407 -2.54 25.71 25.92
CA PRO A 407 -2.26 25.61 27.36
C PRO A 407 -1.20 26.58 27.85
N LEU A 408 -0.19 26.85 27.03
CA LEU A 408 0.82 27.83 27.40
C LEU A 408 0.22 29.23 27.49
N LEU A 409 -0.67 29.58 26.56
CA LEU A 409 -1.27 30.91 26.58
C LEU A 409 -2.10 31.12 27.85
N ILE A 410 -2.82 30.10 28.29
CA ILE A 410 -3.62 30.23 29.50
C ILE A 410 -2.74 30.33 30.73
N CYS A 411 -1.67 29.51 30.79
CA CYS A 411 -0.85 29.48 31.99
C CYS A 411 -0.13 30.81 32.21
N ILE A 412 0.34 31.45 31.13
CA ILE A 412 0.98 32.75 31.28
C ILE A 412 -0.02 33.76 31.85
N ILE A 413 -1.25 33.75 31.33
CA ILE A 413 -2.29 34.60 31.90
C ILE A 413 -2.61 34.15 33.33
N SER A 414 -2.68 32.83 33.55
CA SER A 414 -2.99 32.33 34.89
C SER A 414 -1.91 32.71 35.88
N LEU A 415 -0.64 32.61 35.48
CA LEU A 415 0.45 32.98 36.39
C LEU A 415 0.48 34.49 36.63
N SER A 416 0.27 35.28 35.58
CA SER A 416 0.33 36.73 35.72
C SER A 416 -0.83 37.25 36.57
N PHE A 417 -2.01 36.70 36.35
CA PHE A 417 -3.17 37.12 37.12
C PHE A 417 -2.97 36.83 38.59
N ALA A 418 -2.78 35.57 38.93
CA ALA A 418 -2.61 35.19 40.33
C ALA A 418 -1.50 34.17 40.52
N MET A 419 -0.26 34.61 40.41
CA MET A 419 0.86 33.70 40.63
C MET A 419 0.79 33.17 42.05
N ASP A 420 0.42 34.03 42.99
CA ASP A 420 0.34 33.63 44.38
C ASP A 420 -0.67 32.51 44.57
N SER A 421 -1.63 32.41 43.65
CA SER A 421 -2.67 31.41 43.79
C SER A 421 -2.05 30.03 43.90
N TYR A 422 -0.96 29.79 43.17
CA TYR A 422 -0.30 28.50 43.25
C TYR A 422 0.06 28.23 44.69
N GLY A 423 -0.18 27.00 45.15
CA GLY A 423 0.10 26.67 46.53
C GLY A 423 -0.70 27.58 47.44
N THR A 424 -0.06 28.14 48.45
CA THR A 424 -0.74 29.07 49.35
C THR A 424 -2.07 28.48 49.77
N SER A 425 -2.07 27.20 50.11
CA SER A 425 -3.31 26.53 50.50
C SER A 425 -3.02 25.19 51.15
N ASN A 426 -4.06 24.39 51.35
CA ASN A 426 -3.88 23.08 51.93
C ASN A 426 -2.81 22.28 51.20
N ASN A 427 -2.94 22.15 49.89
CA ASN A 427 -1.99 21.34 49.13
C ASN A 427 -1.49 22.11 47.91
N CYS A 428 -0.44 21.58 47.29
CA CYS A 428 0.22 22.28 46.20
C CYS A 428 -0.71 22.54 45.02
N TRP A 429 -1.78 21.77 44.87
CA TRP A 429 -2.76 22.10 43.84
C TRP A 429 -3.33 23.48 44.11
N LEU A 430 -3.63 24.21 43.04
CA LEU A 430 -4.18 25.56 43.18
C LEU A 430 -5.35 25.60 44.15
N SER A 431 -5.39 26.61 45.01
CA SER A 431 -6.49 26.74 45.97
C SER A 431 -7.77 27.21 45.30
N LEU A 432 -8.91 26.80 45.86
CA LEU A 432 -10.18 27.23 45.31
C LEU A 432 -10.66 28.46 46.07
N ALA A 433 -9.98 29.58 45.90
CA ALA A 433 -10.33 30.79 46.64
C ALA A 433 -10.60 31.99 45.75
N SER A 434 -9.58 32.43 45.02
CA SER A 434 -9.73 33.60 44.17
C SER A 434 -10.17 33.20 42.77
N GLY A 435 -10.68 31.98 42.63
CA GLY A 435 -11.08 31.51 41.32
C GLY A 435 -9.94 30.83 40.60
N ALA A 436 -8.78 30.76 41.26
CA ALA A 436 -7.65 30.09 40.65
C ALA A 436 -8.07 28.72 40.15
N ILE A 437 -8.97 28.07 40.89
CA ILE A 437 -9.41 26.74 40.49
C ILE A 437 -10.07 26.80 39.13
N TRP A 438 -10.69 27.93 38.83
CA TRP A 438 -11.37 28.09 37.55
C TRP A 438 -10.40 28.05 36.37
N ALA A 439 -9.17 28.46 36.61
CA ALA A 439 -8.18 28.48 35.54
C ALA A 439 -8.03 27.10 34.92
N PHE A 440 -8.31 26.06 35.68
CA PHE A 440 -8.19 24.69 35.17
C PHE A 440 -9.54 24.03 35.05
N VAL A 441 -10.45 24.31 35.98
CA VAL A 441 -11.74 23.66 35.98
C VAL A 441 -12.60 24.15 34.83
N ALA A 442 -12.62 25.46 34.59
CA ALA A 442 -13.41 26.00 33.49
C ALA A 442 -12.93 25.51 32.12
N PRO A 443 -11.63 25.56 31.79
CA PRO A 443 -11.21 24.92 30.53
C PRO A 443 -11.47 23.43 30.50
N ALA A 444 -11.37 22.74 31.63
CA ALA A 444 -11.70 21.32 31.67
C ALA A 444 -13.16 21.08 31.34
N LEU A 445 -14.05 21.95 31.83
CA LEU A 445 -15.47 21.82 31.51
C LEU A 445 -15.72 22.05 30.03
N PHE A 446 -15.02 23.01 29.42
CA PHE A 446 -15.19 23.26 28.00
C PHE A 446 -14.77 22.05 27.18
N VAL A 447 -13.65 21.42 27.55
CA VAL A 447 -13.22 20.21 26.84
C VAL A 447 -14.20 19.07 27.08
N ILE A 448 -14.76 19.00 28.29
CA ILE A 448 -15.74 17.95 28.60
C ILE A 448 -16.99 18.14 27.76
N VAL A 449 -17.49 19.37 27.68
CA VAL A 449 -18.75 19.62 26.99
C VAL A 449 -18.65 19.24 25.52
N VAL A 450 -17.57 19.66 24.86
CA VAL A 450 -17.43 19.37 23.43
C VAL A 450 -17.27 17.88 23.21
N ASN A 451 -16.44 17.22 24.03
CA ASN A 451 -16.23 15.79 23.87
C ASN A 451 -17.52 15.01 24.16
N ILE A 452 -18.32 15.49 25.12
CA ILE A 452 -19.64 14.91 25.32
C ILE A 452 -20.51 15.16 24.09
N GLY A 453 -20.46 16.38 23.54
CA GLY A 453 -21.21 16.68 22.33
C GLY A 453 -20.76 15.85 21.15
N ILE A 454 -19.44 15.69 20.99
CA ILE A 454 -18.92 14.84 19.93
C ILE A 454 -19.32 13.39 20.16
N LEU A 455 -19.26 12.95 21.42
CA LEU A 455 -19.59 11.56 21.74
C LEU A 455 -21.04 11.24 21.39
N ILE A 456 -21.96 12.17 21.64
CA ILE A 456 -23.37 11.94 21.34
C ILE A 456 -23.56 11.80 19.83
N ALA A 457 -23.02 12.75 19.06
CA ALA A 457 -23.17 12.69 17.61
C ALA A 457 -22.51 11.45 17.03
N VAL A 458 -21.34 11.09 17.56
CA VAL A 458 -20.67 9.87 17.12
C VAL A 458 -21.50 8.64 17.46
N THR A 459 -22.07 8.60 18.68
CA THR A 459 -22.87 7.45 19.07
C THR A 459 -24.14 7.36 18.24
N ARG A 460 -24.73 8.50 17.87
CA ARG A 460 -25.92 8.48 17.03
C ARG A 460 -25.62 7.88 15.67
N VAL A 461 -24.46 8.21 15.09
CA VAL A 461 -24.14 7.74 13.75
C VAL A 461 -23.58 6.33 13.73
N ILE A 462 -23.06 5.82 14.85
CA ILE A 462 -22.61 4.44 14.86
C ILE A 462 -23.72 3.50 15.33
N SER A 463 -24.65 4.03 16.11
CA SER A 463 -25.77 3.22 16.57
C SER A 463 -26.70 2.91 15.40
N GLN A 464 -26.82 3.87 14.48
CA GLN A 464 -27.69 3.67 13.33
C GLN A 464 -27.18 2.52 12.48
N ILE A 465 -25.87 2.31 12.46
CA ILE A 465 -25.30 1.20 11.71
C ILE A 465 -25.19 -0.04 12.58
N SER A 466 -25.84 0.00 13.75
CA SER A 466 -25.83 -1.17 14.63
C SER A 466 -27.18 -1.88 14.59
N ALA A 467 -27.88 -1.78 13.47
CA ALA A 467 -29.21 -2.39 13.35
C ALA A 467 -29.13 -3.91 13.29
N ASP A 468 -30.29 -4.57 13.23
CA ASP A 468 -30.32 -6.03 13.20
C ASP A 468 -29.49 -6.55 12.02
N ASN A 469 -28.77 -7.64 12.26
CA ASN A 469 -27.93 -8.23 11.23
C ASN A 469 -28.23 -9.72 11.07
N PHE A 479 -26.06 -6.22 20.16
CA PHE A 479 -26.06 -4.77 20.23
C PHE A 479 -25.02 -4.27 21.22
N LYS A 480 -24.04 -5.12 21.52
CA LYS A 480 -22.95 -4.72 22.42
C LYS A 480 -21.90 -3.87 21.73
N LEU A 481 -21.97 -3.74 20.40
CA LEU A 481 -20.97 -2.95 19.68
C LEU A 481 -21.04 -1.47 20.06
N THR A 482 -22.25 -0.93 20.19
CA THR A 482 -22.39 0.47 20.55
C THR A 482 -21.90 0.77 21.95
N ALA A 483 -21.91 -0.23 22.84
CA ALA A 483 -21.35 -0.02 24.18
C ALA A 483 -19.83 0.00 24.16
N LYS A 484 -19.22 -0.85 23.34
CA LYS A 484 -17.77 -0.85 23.24
C LYS A 484 -17.25 0.39 22.54
N ALA A 485 -18.02 0.94 21.60
CA ALA A 485 -17.59 2.13 20.87
C ALA A 485 -17.44 3.32 21.80
N VAL A 486 -18.43 3.55 22.67
CA VAL A 486 -18.32 4.67 23.61
C VAL A 486 -17.26 4.39 24.66
N ALA A 487 -17.16 3.15 25.13
CA ALA A 487 -16.24 2.82 26.21
C ALA A 487 -14.79 3.06 25.80
N VAL A 488 -14.43 2.72 24.56
CA VAL A 488 -13.08 2.96 24.09
C VAL A 488 -12.81 4.45 23.90
N LEU A 489 -13.85 5.27 23.79
CA LEU A 489 -13.68 6.70 23.60
C LEU A 489 -13.60 7.47 24.91
N LEU A 490 -14.00 6.86 26.03
CA LEU A 490 -13.91 7.56 27.32
C LEU A 490 -12.50 7.99 27.68
N PRO A 491 -11.47 7.14 27.62
CA PRO A 491 -10.13 7.60 28.03
C PRO A 491 -9.56 8.69 27.16
N ILE A 492 -10.01 8.80 25.90
CA ILE A 492 -9.44 9.76 24.95
C ILE A 492 -10.30 10.99 24.76
N LEU A 493 -11.56 10.97 25.20
CA LEU A 493 -12.40 12.16 25.19
C LEU A 493 -12.46 12.84 26.54
N GLY A 494 -12.09 12.16 27.62
CA GLY A 494 -12.15 12.75 28.94
C GLY A 494 -13.56 13.02 29.42
N THR A 495 -14.49 12.12 29.15
CA THR A 495 -15.86 12.27 29.64
C THR A 495 -16.04 11.72 31.05
N SER A 496 -14.99 11.15 31.64
CA SER A 496 -15.05 10.62 33.00
C SER A 496 -14.73 11.68 34.05
N TRP A 497 -14.31 12.86 33.64
CA TRP A 497 -14.02 13.94 34.57
C TRP A 497 -15.26 14.73 34.96
N VAL A 498 -16.42 14.37 34.41
CA VAL A 498 -17.67 15.02 34.81
C VAL A 498 -17.94 14.79 36.29
N PHE A 499 -17.67 13.57 36.76
CA PHE A 499 -17.95 13.23 38.15
C PHE A 499 -17.11 14.04 39.14
N GLY A 500 -16.03 14.65 38.68
CA GLY A 500 -15.18 15.43 39.58
C GLY A 500 -15.88 16.67 40.12
N VAL A 501 -16.54 17.42 39.25
CA VAL A 501 -17.20 18.65 39.68
C VAL A 501 -18.52 18.41 40.38
N LEU A 502 -19.03 17.18 40.37
CA LEU A 502 -20.33 16.89 40.97
C LEU A 502 -20.32 16.94 42.49
N ALA A 503 -19.14 17.03 43.11
CA ALA A 503 -19.03 17.09 44.57
C ALA A 503 -19.37 18.50 45.05
N VAL A 504 -20.64 18.71 45.36
CA VAL A 504 -21.07 20.02 45.82
C VAL A 504 -22.23 19.89 46.79
N ALA A 508 -22.75 14.22 46.59
CA ALA A 508 -21.61 15.05 46.96
C ALA A 508 -20.33 14.22 47.05
N VAL A 509 -20.05 13.67 48.22
CA VAL A 509 -18.79 12.94 48.38
C VAL A 509 -18.81 11.62 47.61
N VAL A 510 -19.99 11.16 47.20
CA VAL A 510 -20.08 9.91 46.45
C VAL A 510 -19.40 10.04 45.10
N PHE A 511 -19.47 11.22 44.49
CA PHE A 511 -18.83 11.43 43.20
C PHE A 511 -17.32 11.55 43.33
N GLN A 512 -16.82 12.04 44.46
CA GLN A 512 -15.38 12.07 44.70
C GLN A 512 -14.78 10.67 44.56
N TYR A 513 -15.47 9.66 45.09
CA TYR A 513 -15.00 8.29 44.92
C TYR A 513 -15.00 7.89 43.45
N MET A 514 -16.04 8.28 42.70
CA MET A 514 -16.11 7.97 41.29
C MET A 514 -15.04 8.69 40.49
N PHE A 515 -14.58 9.85 40.95
CA PHE A 515 -13.50 10.56 40.28
C PHE A 515 -12.12 10.00 40.61
N ALA A 516 -11.99 9.23 41.68
CA ALA A 516 -10.70 8.70 42.08
C ALA A 516 -10.40 7.34 41.46
N THR A 517 -11.31 6.80 40.66
CA THR A 517 -11.07 5.53 39.98
C THR A 517 -11.42 5.55 38.49
N LEU A 518 -12.16 6.56 38.06
CA LEU A 518 -12.46 6.70 36.64
C LEU A 518 -11.25 7.24 35.89
N ASN A 519 -10.76 8.40 36.30
CA ASN A 519 -9.63 9.03 35.58
C ASN A 519 -8.29 8.80 36.25
N SER A 520 -8.31 8.41 37.52
CA SER A 520 -7.06 8.16 38.23
C SER A 520 -6.31 7.05 37.53
N LEU A 521 -7.04 6.04 37.06
CA LEU A 521 -6.41 4.92 36.39
C LEU A 521 -6.45 5.09 34.88
N GLN A 522 -6.56 6.34 34.43
CA GLN A 522 -6.63 6.60 33.00
C GLN A 522 -5.54 5.85 32.23
N GLY A 523 -4.29 5.98 32.67
CA GLY A 523 -3.21 5.36 31.93
C GLY A 523 -3.45 3.89 31.66
N LEU A 524 -4.13 3.20 32.58
CA LEU A 524 -4.48 1.81 32.35
C LEU A 524 -5.45 1.68 31.17
N PHE A 525 -6.36 2.65 31.03
CA PHE A 525 -7.37 2.57 29.99
C PHE A 525 -6.78 2.85 28.61
N ILE A 526 -5.83 3.77 28.50
CA ILE A 526 -5.17 4.01 27.22
C ILE A 526 -4.43 2.76 26.77
N PHE A 527 -3.81 2.05 27.71
CA PHE A 527 -3.09 0.82 27.39
C PHE A 527 -4.04 -0.27 26.91
N LEU A 528 -5.16 -0.46 27.62
CA LEU A 528 -6.04 -1.59 27.38
C LEU A 528 -7.03 -1.34 26.24
N PHE A 529 -7.02 -0.18 25.61
CA PHE A 529 -7.95 0.11 24.52
C PHE A 529 -7.30 0.67 23.28
N HIS A 530 -6.10 1.24 23.39
CA HIS A 530 -5.42 1.82 22.23
C HIS A 530 -3.97 1.39 22.11
N CYS A 531 -3.48 0.56 23.01
CA CYS A 531 -2.09 0.12 22.97
C CYS A 531 -1.95 -1.39 23.03
N LEU A 532 -2.80 -2.08 23.79
CA LEU A 532 -2.71 -3.53 23.94
C LEU A 532 -3.89 -4.27 23.31
N LEU A 533 -4.98 -3.58 22.98
CA LEU A 533 -6.13 -4.22 22.39
C LEU A 533 -6.46 -3.72 20.99
N ASN A 534 -5.83 -2.65 20.53
CA ASN A 534 -6.07 -2.17 19.18
C ASN A 534 -5.57 -3.18 18.16
N SER A 535 -6.39 -3.41 17.12
CA SER A 535 -5.98 -4.35 16.08
C SER A 535 -4.77 -3.83 15.31
N GLU A 536 -4.72 -2.53 15.07
CA GLU A 536 -3.62 -1.96 14.29
C GLU A 536 -2.28 -2.11 15.01
N VAL A 537 -2.24 -1.84 16.31
CA VAL A 537 -0.99 -1.96 17.04
C VAL A 537 -0.58 -3.43 17.15
N ARG A 538 -1.54 -4.34 17.23
CA ARG A 538 -1.22 -5.76 17.26
C ARG A 538 -0.69 -6.22 15.91
N ALA A 539 -1.34 -5.81 14.82
CA ALA A 539 -0.88 -6.19 13.48
C ALA A 539 0.51 -5.64 13.21
N ALA A 540 0.78 -4.42 13.69
CA ALA A 540 2.13 -3.88 13.60
C ALA A 540 3.11 -4.72 14.41
N PHE A 541 2.68 -5.17 15.60
CA PHE A 541 3.55 -5.99 16.44
C PHE A 541 3.88 -7.32 15.77
N LYS A 542 2.87 -8.00 15.22
CA LYS A 542 3.11 -9.29 14.58
C LYS A 542 4.02 -9.15 13.36
N HIS A 543 3.95 -8.00 12.68
CA HIS A 543 4.86 -7.76 11.57
C HIS A 543 6.30 -7.63 12.06
N LYS A 544 6.52 -6.94 13.18
CA LYS A 544 7.87 -6.71 13.66
C LYS A 544 8.48 -7.97 14.25
N THR A 545 7.67 -8.87 14.80
CA THR A 545 8.20 -10.15 15.23
C THR A 545 8.71 -10.97 14.06
N LYS A 546 8.15 -10.76 12.87
CA LYS A 546 8.61 -11.47 11.69
C LYS A 546 9.98 -10.95 11.22
N VAL A 547 10.14 -9.63 11.18
CA VAL A 547 11.38 -9.06 10.68
C VAL A 547 12.53 -9.31 11.66
N TRP A 548 12.26 -9.18 12.96
CA TRP A 548 13.30 -9.41 13.94
C TRP A 548 13.74 -10.87 13.96
N SER A 549 12.78 -11.79 13.91
CA SER A 549 13.13 -13.22 13.86
C SER A 549 13.89 -13.56 12.59
N LEU A 550 13.46 -13.02 11.45
CA LEU A 550 14.15 -13.24 10.18
C LEU A 550 15.21 -12.16 9.96
N THR A 551 16.22 -12.19 10.83
CA THR A 551 17.34 -11.25 10.75
C THR A 551 18.53 -11.77 11.53
N ASP B 10 27.33 21.03 -6.36
CA ASP B 10 27.41 20.50 -5.00
C ASP B 10 26.21 20.96 -4.18
N LYS B 11 25.67 22.13 -4.53
CA LYS B 11 24.52 22.69 -3.84
C LYS B 11 23.24 22.65 -4.66
N ALA B 12 23.35 22.70 -5.99
CA ALA B 12 22.15 22.59 -6.82
C ALA B 12 21.50 21.22 -6.69
N ALA B 13 22.30 20.18 -6.42
CA ALA B 13 21.73 18.85 -6.21
C ALA B 13 20.81 18.84 -5.00
N ALA B 14 21.24 19.44 -3.89
CA ALA B 14 20.37 19.56 -2.73
C ALA B 14 19.23 20.53 -3.02
N GLU B 15 19.53 21.60 -3.77
CA GLU B 15 18.50 22.58 -4.10
C GLU B 15 17.40 21.96 -4.95
N ARG B 16 17.77 21.13 -5.91
CA ARG B 16 16.77 20.45 -6.72
C ARG B 16 15.89 19.54 -5.87
N SER B 17 16.49 18.84 -4.91
CA SER B 17 15.71 17.96 -4.05
C SER B 17 14.67 18.74 -3.25
N LYS B 18 15.08 19.86 -2.65
CA LYS B 18 14.14 20.65 -1.86
C LYS B 18 12.99 21.17 -2.71
N GLU B 19 13.30 21.66 -3.91
CA GLU B 19 12.25 22.13 -4.81
C GLU B 19 11.36 20.97 -5.26
N ILE B 20 11.96 19.80 -5.51
CA ILE B 20 11.18 18.65 -5.93
C ILE B 20 10.34 18.12 -4.77
N ASP B 21 10.93 18.04 -3.57
CA ASP B 21 10.20 17.53 -2.41
C ASP B 21 9.01 18.40 -2.06
N LYS B 22 9.01 19.67 -2.44
CA LYS B 22 7.85 20.51 -2.21
C LYS B 22 6.66 20.06 -3.04
N CYS B 23 6.87 19.86 -4.35
CA CYS B 23 5.77 19.49 -5.24
C CYS B 23 5.20 18.13 -4.86
N LEU B 24 6.07 17.17 -4.53
CA LEU B 24 5.60 15.87 -4.07
C LEU B 24 4.82 16.01 -2.77
N SER B 25 5.29 16.85 -1.85
CA SER B 25 4.54 17.11 -0.63
C SER B 25 3.32 17.97 -0.91
N ARG B 26 3.42 18.90 -1.86
CA ARG B 26 2.27 19.73 -2.21
C ARG B 26 1.14 18.89 -2.78
N GLU B 27 1.49 17.88 -3.58
CA GLU B 27 0.48 17.01 -4.18
C GLU B 27 -0.06 15.97 -3.21
N LYS B 28 0.59 15.76 -2.06
CA LYS B 28 0.15 14.72 -1.15
C LYS B 28 -1.23 14.99 -0.59
N THR B 29 -1.52 16.26 -0.25
CA THR B 29 -2.83 16.60 0.30
C THR B 29 -3.94 16.32 -0.70
N TYR B 30 -3.72 16.65 -1.97
CA TYR B 30 -4.72 16.38 -2.99
C TYR B 30 -4.89 14.88 -3.22
N VAL B 31 -3.78 14.16 -3.38
CA VAL B 31 -3.86 12.73 -3.67
C VAL B 31 -4.47 11.97 -2.50
N LYS B 32 -4.08 12.32 -1.28
CA LYS B 32 -4.60 11.61 -0.11
C LYS B 32 -6.10 11.84 0.06
N ARG B 33 -6.59 13.01 -0.32
CA ARG B 33 -8.02 13.33 -0.22
C ARG B 33 -8.79 13.00 -1.48
N LEU B 34 -8.12 12.54 -2.53
CA LEU B 34 -8.80 12.23 -3.79
C LEU B 34 -9.58 10.93 -3.68
N VAL B 35 -10.76 10.92 -4.31
CA VAL B 35 -11.64 9.75 -4.32
C VAL B 35 -11.64 9.20 -5.74
N LYS B 36 -11.30 7.92 -5.88
CA LYS B 36 -11.20 7.27 -7.18
C LYS B 36 -12.35 6.27 -7.33
N ILE B 37 -13.09 6.40 -8.43
CA ILE B 37 -14.24 5.56 -8.70
C ILE B 37 -14.03 4.90 -10.06
N LEU B 38 -14.10 3.57 -10.08
CA LEU B 38 -14.03 2.82 -11.33
C LEU B 38 -15.42 2.72 -11.93
N LEU B 39 -15.54 3.04 -13.22
CA LEU B 39 -16.79 2.96 -13.96
C LEU B 39 -16.75 1.78 -14.90
N LEU B 40 -17.66 0.83 -14.72
CA LEU B 40 -17.78 -0.35 -15.55
C LEU B 40 -19.23 -0.49 -16.00
N GLY B 41 -19.43 -0.93 -17.24
CA GLY B 41 -20.77 -1.08 -17.77
C GLY B 41 -20.83 -1.61 -19.19
N ALA B 42 -21.67 -1.00 -20.02
CA ALA B 42 -21.86 -1.45 -21.39
C ALA B 42 -22.34 -0.28 -22.23
N ASP B 43 -22.40 -0.51 -23.55
CA ASP B 43 -22.82 0.56 -24.47
C ASP B 43 -24.25 0.99 -24.20
N ASN B 44 -25.13 0.03 -23.89
CA ASN B 44 -26.52 0.35 -23.60
C ASN B 44 -26.68 1.15 -22.31
N SER B 45 -25.67 1.14 -21.44
CA SER B 45 -25.76 1.83 -20.16
C SER B 45 -25.79 3.35 -20.30
N GLY B 46 -25.50 3.88 -21.49
CA GLY B 46 -25.54 5.31 -21.71
C GLY B 46 -24.53 6.09 -20.91
N LYS B 47 -23.28 5.61 -20.90
CA LYS B 47 -22.22 6.28 -20.15
C LYS B 47 -22.06 7.72 -20.59
N SER B 48 -22.08 7.96 -21.91
CA SER B 48 -21.95 9.31 -22.41
C SER B 48 -23.06 10.21 -21.89
N THR B 49 -24.29 9.69 -21.84
CA THR B 49 -25.38 10.45 -21.25
C THR B 49 -25.17 10.66 -19.76
N PHE B 50 -24.71 9.62 -19.06
CA PHE B 50 -24.45 9.76 -17.63
C PHE B 50 -23.31 10.74 -17.36
N LEU B 51 -22.24 10.66 -18.16
CA LEU B 51 -21.06 11.47 -17.88
C LEU B 51 -21.33 12.96 -18.03
N LYS B 52 -22.20 13.37 -18.97
CA LYS B 52 -22.48 14.79 -19.14
C LYS B 52 -23.11 15.38 -17.89
N GLN B 53 -24.00 14.64 -17.23
CA GLN B 53 -24.55 15.11 -15.95
C GLN B 53 -23.43 15.33 -14.94
N MET B 54 -22.39 14.50 -14.97
CA MET B 54 -21.23 14.72 -14.11
C MET B 54 -20.46 15.96 -14.53
N ARG B 55 -20.44 16.27 -15.84
CA ARG B 55 -19.75 17.47 -16.30
C ARG B 55 -20.41 18.75 -15.80
N ILE B 56 -21.72 18.70 -15.57
CA ILE B 56 -22.42 19.84 -15.01
C ILE B 56 -23.11 19.43 -13.71
N GLY B 69 -8.32 1.27 -23.57
CA GLY B 69 -8.76 2.66 -23.57
C GLY B 69 -9.35 3.09 -22.25
N ILE B 70 -8.61 3.92 -21.51
CA ILE B 70 -9.03 4.42 -20.21
C ILE B 70 -9.05 5.94 -20.25
N HIS B 71 -10.18 6.52 -19.86
CA HIS B 71 -10.36 7.96 -19.85
C HIS B 71 -10.47 8.45 -18.42
N GLU B 72 -9.94 9.65 -18.17
CA GLU B 72 -9.89 10.24 -16.84
C GLU B 72 -10.83 11.43 -16.77
N TYR B 73 -11.78 11.38 -15.82
CA TYR B 73 -12.73 12.46 -15.61
C TYR B 73 -12.59 12.94 -14.17
N ASP B 74 -12.01 14.11 -13.98
CA ASP B 74 -11.84 14.71 -12.67
C ASP B 74 -12.91 15.77 -12.48
N PHE B 75 -13.75 15.59 -11.45
CA PHE B 75 -14.83 16.52 -11.18
C PHE B 75 -14.91 16.76 -9.68
N GLU B 76 -15.85 17.62 -9.28
CA GLU B 76 -15.95 18.06 -7.88
C GLU B 76 -17.35 18.59 -7.63
N ILE B 77 -18.05 17.98 -6.69
CA ILE B 77 -19.32 18.49 -6.18
C ILE B 77 -19.24 18.55 -4.67
N LYS B 78 -19.66 19.68 -4.09
CA LYS B 78 -19.65 19.90 -2.64
C LYS B 78 -18.23 19.91 -2.10
N ASN B 79 -17.35 20.62 -2.82
CA ASN B 79 -15.98 20.89 -2.37
C ASN B 79 -15.22 19.60 -2.03
N VAL B 80 -15.35 18.60 -2.89
CA VAL B 80 -14.59 17.36 -2.74
C VAL B 80 -14.27 16.83 -4.13
N PRO B 81 -13.05 16.37 -4.39
CA PRO B 81 -12.70 15.85 -5.71
C PRO B 81 -13.11 14.41 -5.89
N PHE B 82 -13.09 13.98 -7.15
CA PHE B 82 -13.43 12.62 -7.53
C PHE B 82 -12.59 12.22 -8.74
N LYS B 83 -12.76 10.97 -9.19
CA LYS B 83 -11.99 10.46 -10.31
C LYS B 83 -12.78 9.34 -10.96
N MET B 84 -13.41 9.63 -12.10
CA MET B 84 -14.19 8.63 -12.81
C MET B 84 -13.35 7.84 -13.78
N VAL B 85 -12.43 7.03 -13.26
CA VAL B 85 -11.60 6.21 -14.13
C VAL B 85 -12.51 5.25 -14.88
N ASP B 86 -12.42 5.25 -16.19
CA ASP B 86 -13.32 4.43 -16.98
C ASP B 86 -12.61 3.44 -17.87
N VAL B 87 -12.75 2.16 -17.58
CA VAL B 87 -12.15 1.15 -18.42
C VAL B 87 -13.12 0.92 -19.56
N GLY B 88 -12.89 1.56 -20.70
CA GLY B 88 -13.81 1.45 -21.81
C GLY B 88 -13.74 0.12 -22.51
N GLY B 89 -14.36 -0.90 -21.90
CA GLY B 89 -14.35 -2.23 -22.49
C GLY B 89 -12.95 -2.79 -22.58
N GLN B 90 -12.05 -2.24 -21.78
CA GLN B 90 -10.67 -2.73 -21.78
C GLN B 90 -10.50 -3.76 -20.68
N ARG B 91 -11.62 -4.27 -20.16
CA ARG B 91 -11.56 -5.24 -19.08
C ARG B 91 -10.60 -6.35 -19.45
N SER B 92 -9.63 -6.60 -18.57
CA SER B 92 -8.65 -7.64 -18.83
C SER B 92 -8.78 -8.78 -17.84
N GLU B 93 -8.28 -9.94 -18.20
CA GLU B 93 -8.37 -11.09 -17.31
C GLU B 93 -7.10 -11.24 -16.49
N ARG B 94 -5.99 -10.71 -16.99
CA ARG B 94 -4.73 -10.86 -16.28
C ARG B 94 -4.83 -10.20 -14.90
N LYS B 95 -4.28 -10.87 -13.89
CA LYS B 95 -4.44 -10.38 -12.53
C LYS B 95 -3.71 -9.06 -12.31
N ARG B 96 -2.53 -8.89 -12.90
CA ARG B 96 -1.76 -7.66 -12.71
C ARG B 96 -2.49 -6.44 -13.26
N TRP B 97 -3.45 -6.64 -14.15
CA TRP B 97 -4.26 -5.52 -14.63
C TRP B 97 -5.09 -4.91 -13.50
N PHE B 98 -5.57 -5.74 -12.57
CA PHE B 98 -6.51 -5.26 -11.57
C PHE B 98 -5.83 -4.47 -10.46
N GLU B 99 -4.58 -4.79 -10.11
CA GLU B 99 -3.90 -3.97 -9.11
C GLU B 99 -3.58 -2.56 -9.63
N CYS B 100 -3.70 -2.33 -10.94
CA CYS B 100 -3.61 -0.98 -11.46
C CYS B 100 -4.81 -0.12 -11.04
N PHE B 101 -5.87 -0.74 -10.51
CA PHE B 101 -7.04 -0.02 -10.03
C PHE B 101 -7.38 -0.39 -8.60
N ASP B 102 -6.46 -1.03 -7.87
CA ASP B 102 -6.74 -1.40 -6.50
C ASP B 102 -6.80 -0.21 -5.55
N SER B 103 -6.43 0.97 -6.03
CA SER B 103 -6.46 2.18 -5.20
C SER B 103 -7.82 2.85 -5.17
N VAL B 104 -8.80 2.36 -5.93
CA VAL B 104 -10.11 2.99 -5.93
C VAL B 104 -10.84 2.63 -4.63
N THR B 105 -11.82 3.46 -4.29
CA THR B 105 -12.62 3.26 -3.10
C THR B 105 -14.06 2.83 -3.39
N SER B 106 -14.46 2.83 -4.66
CA SER B 106 -15.78 2.33 -5.04
C SER B 106 -15.75 1.98 -6.52
N ILE B 107 -16.75 1.19 -6.93
CA ILE B 107 -16.93 0.82 -8.33
C ILE B 107 -18.36 1.15 -8.71
N LEU B 108 -18.53 2.08 -9.65
CA LEU B 108 -19.86 2.43 -10.13
C LEU B 108 -20.24 1.48 -11.25
N PHE B 109 -21.37 0.80 -11.09
CA PHE B 109 -21.78 -0.27 -11.99
C PHE B 109 -23.11 0.10 -12.62
N LEU B 110 -23.17 0.10 -13.94
CA LEU B 110 -24.37 0.49 -14.68
C LEU B 110 -24.87 -0.68 -15.50
N VAL B 111 -26.18 -0.91 -15.46
CA VAL B 111 -26.86 -1.89 -16.29
C VAL B 111 -28.12 -1.25 -16.87
N ASP B 112 -28.43 -1.61 -18.11
CA ASP B 112 -29.67 -1.15 -18.74
C ASP B 112 -30.82 -1.97 -18.19
N SER B 113 -31.70 -1.31 -17.42
CA SER B 113 -32.82 -2.02 -16.80
C SER B 113 -33.76 -2.58 -17.85
N SER B 114 -34.04 -1.81 -18.91
CA SER B 114 -34.99 -2.24 -19.92
C SER B 114 -34.44 -3.37 -20.78
N ASP B 115 -33.12 -3.48 -20.92
CA ASP B 115 -32.50 -4.48 -21.79
C ASP B 115 -32.61 -5.84 -21.10
N PHE B 116 -33.83 -6.40 -21.13
CA PHE B 116 -34.09 -7.65 -20.44
C PHE B 116 -33.27 -8.80 -21.01
N ASN B 117 -33.16 -8.87 -22.34
CA ASN B 117 -32.43 -9.95 -22.97
C ASN B 117 -30.93 -9.89 -22.73
N ARG B 118 -30.42 -8.72 -22.34
CA ARG B 118 -28.99 -8.54 -22.08
C ARG B 118 -28.66 -8.63 -20.59
N LEU B 119 -29.62 -9.04 -19.76
CA LEU B 119 -29.36 -9.13 -18.32
C LEU B 119 -28.50 -10.35 -17.99
N THR B 120 -28.55 -11.40 -18.83
CA THR B 120 -27.78 -12.60 -18.55
C THR B 120 -26.29 -12.31 -18.57
N GLU B 121 -25.81 -11.56 -19.56
CA GLU B 121 -24.39 -11.22 -19.63
C GLU B 121 -24.00 -10.22 -18.55
N SER B 122 -24.90 -9.30 -18.21
CA SER B 122 -24.61 -8.36 -17.12
C SER B 122 -24.47 -9.08 -15.79
N LEU B 123 -25.31 -10.10 -15.54
CA LEU B 123 -25.17 -10.90 -14.34
C LEU B 123 -23.80 -11.58 -14.28
N ASN B 124 -23.39 -12.19 -15.40
CA ASN B 124 -22.09 -12.85 -15.43
C ASN B 124 -20.95 -11.86 -15.32
N ASP B 125 -21.12 -10.66 -15.89
CA ASP B 125 -20.08 -9.65 -15.80
C ASP B 125 -19.84 -9.23 -14.36
N PHE B 126 -20.91 -9.12 -13.57
CA PHE B 126 -20.78 -8.68 -12.19
C PHE B 126 -19.91 -9.62 -11.37
N GLU B 127 -19.98 -10.93 -11.63
CA GLU B 127 -19.25 -11.90 -10.83
C GLU B 127 -17.75 -11.67 -10.90
N THR B 128 -17.24 -11.39 -12.11
CA THR B 128 -15.80 -11.32 -12.30
C THR B 128 -15.16 -10.21 -11.48
N ILE B 129 -15.80 -9.05 -11.41
CA ILE B 129 -15.22 -7.91 -10.72
C ILE B 129 -15.42 -8.00 -9.22
N VAL B 130 -16.68 -8.11 -8.78
CA VAL B 130 -16.98 -7.99 -7.36
C VAL B 130 -16.38 -9.14 -6.57
N ASN B 131 -16.12 -10.28 -7.22
CA ASN B 131 -15.62 -11.46 -6.53
C ASN B 131 -14.15 -11.74 -6.79
N ASN B 132 -13.45 -10.82 -7.44
CA ASN B 132 -12.01 -10.97 -7.60
C ASN B 132 -11.30 -10.47 -6.35
N ARG B 133 -10.36 -11.28 -5.85
CA ARG B 133 -9.69 -10.97 -4.59
C ARG B 133 -8.92 -9.66 -4.65
N VAL B 134 -8.60 -9.18 -5.85
CA VAL B 134 -7.88 -7.92 -5.99
C VAL B 134 -8.77 -6.73 -5.64
N PHE B 135 -9.95 -6.66 -6.25
CA PHE B 135 -10.83 -5.53 -6.03
C PHE B 135 -11.55 -5.65 -4.69
N SER B 136 -11.10 -6.57 -3.85
CA SER B 136 -11.68 -6.70 -2.53
C SER B 136 -11.37 -5.44 -1.74
N ASN B 137 -12.10 -5.21 -0.66
CA ASN B 137 -11.89 -4.02 0.17
C ASN B 137 -12.38 -2.75 -0.54
N VAL B 138 -13.15 -2.93 -1.62
CA VAL B 138 -13.71 -1.79 -2.31
C VAL B 138 -15.22 -1.89 -2.25
N SER B 139 -15.91 -0.77 -2.29
CA SER B 139 -17.37 -0.83 -2.31
C SER B 139 -17.89 -0.94 -3.74
N ILE B 140 -19.15 -1.31 -3.86
CA ILE B 140 -19.82 -1.43 -5.15
C ILE B 140 -21.05 -0.52 -5.12
N ILE B 141 -21.12 0.39 -6.08
CA ILE B 141 -22.26 1.29 -6.23
C ILE B 141 -23.01 0.83 -7.47
N LEU B 142 -24.00 -0.03 -7.26
CA LEU B 142 -24.82 -0.51 -8.36
C LEU B 142 -25.82 0.54 -8.80
N PHE B 143 -25.87 0.80 -10.10
CA PHE B 143 -26.85 1.69 -10.70
C PHE B 143 -27.66 0.93 -11.74
N LEU B 144 -28.95 1.24 -11.80
CA LEU B 144 -29.84 0.68 -12.81
C LEU B 144 -30.42 1.87 -13.58
N ASN B 145 -29.73 2.27 -14.64
CA ASN B 145 -30.17 3.37 -15.47
C ASN B 145 -31.40 2.93 -16.28
N LYS B 146 -31.93 3.87 -17.07
CA LYS B 146 -33.13 3.61 -17.87
C LYS B 146 -34.31 3.22 -16.99
N THR B 147 -34.42 3.88 -15.82
CA THR B 147 -35.45 3.53 -14.85
C THR B 147 -36.86 3.82 -15.34
N ASP B 148 -37.02 4.60 -16.40
CA ASP B 148 -38.32 4.85 -16.98
C ASP B 148 -38.60 4.01 -18.21
N LEU B 149 -37.56 3.46 -18.84
CA LEU B 149 -37.77 2.61 -20.02
C LEU B 149 -38.48 1.32 -19.65
N LEU B 150 -38.12 0.74 -18.50
CA LEU B 150 -38.70 -0.53 -18.09
C LEU B 150 -40.05 -0.32 -17.46
N GLU B 151 -40.38 0.93 -17.15
CA GLU B 151 -41.66 1.22 -16.54
C GLU B 151 -42.76 0.68 -17.42
N GLU B 152 -42.68 0.96 -18.72
CA GLU B 152 -43.67 0.46 -19.65
C GLU B 152 -43.56 -1.05 -19.78
N LYS B 153 -42.33 -1.55 -19.85
CA LYS B 153 -42.13 -2.98 -19.99
C LYS B 153 -42.80 -3.71 -18.84
N VAL B 154 -42.76 -3.12 -17.66
CA VAL B 154 -43.40 -3.72 -16.51
C VAL B 154 -44.88 -3.93 -16.82
N GLN B 155 -45.42 -5.09 -16.43
CA GLN B 155 -46.82 -5.40 -16.68
C GLN B 155 -47.08 -5.62 -18.17
N ILE B 156 -46.04 -5.46 -18.99
CA ILE B 156 -46.17 -5.68 -20.43
C ILE B 156 -45.33 -6.88 -20.79
N VAL B 157 -44.05 -6.83 -20.47
CA VAL B 157 -43.17 -7.97 -20.74
C VAL B 157 -42.72 -8.50 -19.39
N SER B 158 -43.13 -9.73 -19.07
CA SER B 158 -42.79 -10.28 -17.76
C SER B 158 -41.36 -10.75 -17.68
N ILE B 159 -40.56 -10.11 -16.84
CA ILE B 159 -39.19 -10.57 -16.64
C ILE B 159 -39.17 -12.06 -16.32
N LYS B 160 -40.24 -12.56 -15.70
CA LYS B 160 -40.34 -13.99 -15.41
C LYS B 160 -40.35 -14.85 -16.67
N ASP B 161 -40.71 -14.27 -17.81
CA ASP B 161 -40.63 -15.01 -19.07
C ASP B 161 -39.19 -15.39 -19.39
N TYR B 162 -38.23 -14.55 -18.99
CA TYR B 162 -36.81 -14.83 -19.19
C TYR B 162 -36.18 -15.41 -17.93
N PHE B 163 -36.31 -14.73 -16.80
CA PHE B 163 -35.84 -15.22 -15.51
C PHE B 163 -36.99 -15.99 -14.86
N LEU B 164 -37.07 -17.28 -15.16
CA LEU B 164 -38.15 -18.10 -14.62
C LEU B 164 -38.09 -18.24 -13.10
N GLU B 165 -36.94 -17.93 -12.50
CA GLU B 165 -36.79 -18.04 -11.05
C GLU B 165 -37.58 -16.98 -10.29
N PHE B 166 -38.12 -15.98 -10.98
CA PHE B 166 -38.90 -14.93 -10.34
C PHE B 166 -40.13 -15.48 -9.62
N ASP B 169 -46.16 -11.53 -8.34
CA ASP B 169 -46.81 -11.27 -9.63
C ASP B 169 -45.85 -10.66 -10.65
N PRO B 170 -46.00 -11.05 -11.92
CA PRO B 170 -45.07 -10.58 -12.96
C PRO B 170 -45.41 -9.20 -13.52
N HIS B 171 -46.58 -8.65 -13.22
CA HIS B 171 -47.03 -7.39 -13.80
C HIS B 171 -46.94 -6.22 -12.84
N CYS B 172 -46.29 -6.39 -11.69
CA CYS B 172 -46.11 -5.32 -10.72
C CYS B 172 -44.69 -4.79 -10.80
N LEU B 173 -44.55 -3.46 -10.88
CA LEU B 173 -43.23 -2.86 -10.97
C LEU B 173 -42.40 -3.14 -9.72
N ARG B 174 -43.00 -2.96 -8.55
CA ARG B 174 -42.25 -3.05 -7.29
C ARG B 174 -41.64 -4.44 -7.12
N ASP B 175 -42.39 -5.49 -7.45
CA ASP B 175 -41.81 -6.83 -7.43
C ASP B 175 -40.74 -6.98 -8.50
N VAL B 176 -40.98 -6.42 -9.70
CA VAL B 176 -39.99 -6.48 -10.76
C VAL B 176 -38.80 -5.58 -10.43
N GLN B 177 -39.07 -4.38 -9.92
CA GLN B 177 -37.99 -3.45 -9.57
C GLN B 177 -37.06 -4.05 -8.53
N LYS B 178 -37.63 -4.70 -7.51
CA LYS B 178 -36.83 -5.28 -6.44
C LYS B 178 -36.25 -6.64 -6.79
N PHE B 179 -36.73 -7.28 -7.86
CA PHE B 179 -36.17 -8.57 -8.24
C PHE B 179 -34.79 -8.43 -8.84
N LEU B 180 -34.57 -7.37 -9.63
CA LEU B 180 -33.26 -7.17 -10.25
C LEU B 180 -32.18 -6.96 -9.19
N VAL B 181 -32.49 -6.21 -8.13
CA VAL B 181 -31.51 -5.98 -7.07
C VAL B 181 -31.15 -7.28 -6.37
N GLU B 182 -32.16 -8.12 -6.09
CA GLU B 182 -31.90 -9.37 -5.39
C GLU B 182 -30.99 -10.28 -6.21
N CYS B 183 -31.11 -10.24 -7.53
CA CYS B 183 -30.21 -11.02 -8.38
C CYS B 183 -28.78 -10.52 -8.28
N PHE B 184 -28.58 -9.22 -8.45
CA PHE B 184 -27.24 -8.66 -8.39
C PHE B 184 -26.66 -8.75 -6.98
N ARG B 185 -27.48 -8.49 -5.96
CA ARG B 185 -26.98 -8.53 -4.58
C ARG B 185 -26.59 -9.95 -4.19
N ASN B 186 -27.43 -10.94 -4.51
CA ASN B 186 -27.11 -12.31 -4.16
C ASN B 186 -26.00 -12.88 -5.02
N LYS B 187 -25.74 -12.28 -6.18
CA LYS B 187 -24.66 -12.76 -7.03
C LYS B 187 -23.29 -12.51 -6.40
N ARG B 188 -23.22 -11.57 -5.47
CA ARG B 188 -22.01 -11.35 -4.68
C ARG B 188 -21.73 -12.56 -3.80
N ARG B 189 -20.45 -12.91 -3.68
CA ARG B 189 -20.04 -14.04 -2.86
C ARG B 189 -19.73 -13.56 -1.45
N ASP B 190 -19.15 -14.43 -0.63
CA ASP B 190 -18.81 -14.09 0.74
C ASP B 190 -17.59 -13.18 0.79
N GLN B 192 -19.56 -10.58 3.18
CA GLN B 192 -19.71 -9.21 2.72
C GLN B 192 -18.77 -8.26 3.47
N GLN B 193 -17.56 -8.09 2.93
CA GLN B 193 -16.59 -7.21 3.57
C GLN B 193 -17.06 -5.76 3.55
N LYS B 194 -17.64 -5.33 2.43
CA LYS B 194 -18.14 -3.96 2.29
C LYS B 194 -19.56 -4.01 1.75
N PRO B 195 -20.40 -3.04 2.13
CA PRO B 195 -21.80 -3.08 1.71
C PRO B 195 -21.96 -2.79 0.23
N LEU B 196 -23.08 -3.25 -0.31
CA LEU B 196 -23.46 -2.99 -1.70
C LEU B 196 -24.63 -2.02 -1.73
N TYR B 197 -24.58 -1.08 -2.67
CA TYR B 197 -25.58 -0.04 -2.79
C TYR B 197 -26.41 -0.27 -4.05
N HIS B 198 -27.56 0.39 -4.11
CA HIS B 198 -28.39 0.36 -5.31
C HIS B 198 -29.18 1.65 -5.42
N HIS B 199 -29.30 2.16 -6.64
CA HIS B 199 -30.05 3.39 -6.89
C HIS B 199 -30.60 3.34 -8.30
N PHE B 200 -31.92 3.41 -8.43
CA PHE B 200 -32.57 3.45 -9.75
C PHE B 200 -32.64 4.91 -10.17
N THR B 201 -32.00 5.24 -11.29
CA THR B 201 -31.89 6.63 -11.71
C THR B 201 -32.07 6.75 -13.21
N THR B 202 -32.52 7.92 -13.63
CA THR B 202 -32.59 8.24 -15.05
C THR B 202 -31.21 8.61 -15.57
N ALA B 203 -31.09 8.67 -16.90
CA ALA B 203 -29.84 9.11 -17.50
C ALA B 203 -29.60 10.60 -17.35
N ILE B 204 -30.61 11.36 -16.91
CA ILE B 204 -30.53 12.81 -16.80
C ILE B 204 -30.86 13.31 -15.40
N ASN B 205 -30.95 12.41 -14.43
CA ASN B 205 -31.32 12.81 -13.08
C ASN B 205 -30.27 13.73 -12.47
N THR B 206 -30.74 14.80 -11.84
CA THR B 206 -29.85 15.74 -11.17
C THR B 206 -29.38 15.25 -9.81
N GLU B 207 -29.96 14.17 -9.29
CA GLU B 207 -29.56 13.60 -8.02
C GLU B 207 -28.48 12.54 -8.16
N ASN B 208 -27.99 12.30 -9.37
CA ASN B 208 -27.01 11.24 -9.58
C ASN B 208 -25.73 11.50 -8.80
N ALA B 209 -25.16 12.71 -8.93
CA ALA B 209 -23.94 13.03 -8.20
C ALA B 209 -24.17 13.02 -6.69
N ARG B 210 -25.37 13.40 -6.25
CA ARG B 210 -25.68 13.39 -4.83
C ARG B 210 -25.67 11.96 -4.29
N LEU B 211 -26.21 11.01 -5.06
CA LEU B 211 -26.28 9.63 -4.59
C LEU B 211 -24.90 9.04 -4.37
N ILE B 212 -23.96 9.33 -5.29
CA ILE B 212 -22.59 8.84 -5.12
C ILE B 212 -21.95 9.46 -3.90
N PHE B 213 -22.17 10.75 -3.68
CA PHE B 213 -21.56 11.42 -2.54
C PHE B 213 -22.00 10.78 -1.23
N ARG B 214 -23.28 10.47 -1.10
CA ARG B 214 -23.75 9.78 0.09
C ARG B 214 -23.15 8.38 0.21
N ASP B 215 -23.02 7.68 -0.92
CA ASP B 215 -22.50 6.32 -0.88
C ASP B 215 -21.01 6.29 -0.58
N VAL B 216 -20.24 7.16 -1.23
CA VAL B 216 -18.79 7.17 -0.99
C VAL B 216 -18.49 7.65 0.41
N LYS B 217 -19.24 8.62 0.92
CA LYS B 217 -19.04 9.09 2.29
C LYS B 217 -19.25 7.97 3.29
N ASP B 218 -20.29 7.16 3.09
CA ASP B 218 -20.51 6.02 3.97
C ASP B 218 -19.39 4.99 3.83
N THR B 219 -18.87 4.81 2.61
CA THR B 219 -17.83 3.81 2.40
C THR B 219 -16.57 4.14 3.20
N ILE B 220 -16.15 5.40 3.21
CA ILE B 220 -14.94 5.76 3.95
C ILE B 220 -15.23 5.80 5.45
N LEU B 221 -16.49 6.05 5.83
CA LEU B 221 -16.85 6.05 7.25
C LEU B 221 -16.64 4.67 7.85
N HIS B 222 -17.03 3.62 7.14
CA HIS B 222 -16.81 2.27 7.66
C HIS B 222 -15.33 1.96 7.77
N ASP B 223 -14.53 2.38 6.79
CA ASP B 223 -13.09 2.16 6.86
C ASP B 223 -12.48 2.87 8.05
N ASN B 224 -12.87 4.13 8.27
CA ASN B 224 -12.35 4.87 9.42
C ASN B 224 -12.80 4.24 10.73
N LEU B 225 -14.03 3.71 10.77
CA LEU B 225 -14.53 3.09 11.99
C LEU B 225 -13.72 1.85 12.34
N LYS B 226 -13.34 1.08 11.35
CA LYS B 226 -12.49 -0.06 11.65
C LYS B 226 -11.28 0.44 12.41
N GLN B 227 -10.52 1.34 11.78
CA GLN B 227 -9.34 1.92 12.39
C GLN B 227 -9.58 2.44 13.77
N LEU B 228 -10.66 3.16 13.95
CA LEU B 228 -10.93 3.83 15.22
C LEU B 228 -11.14 2.87 16.37
N MET B 229 -12.02 1.90 16.20
CA MET B 229 -12.33 1.00 17.32
C MET B 229 -11.45 -0.22 17.31
N SER C 8 -6.77 -20.85 -39.70
CA SER C 8 -5.51 -20.74 -38.98
C SER C 8 -4.50 -21.76 -39.47
N ILE C 9 -4.64 -22.16 -40.74
CA ILE C 9 -3.71 -23.14 -41.30
C ILE C 9 -2.30 -22.60 -41.27
N ALA C 10 -2.14 -21.33 -41.64
CA ALA C 10 -0.81 -20.72 -41.62
C ALA C 10 -0.23 -20.80 -40.22
N GLN C 11 -1.05 -20.51 -39.22
CA GLN C 11 -0.58 -20.60 -37.85
C GLN C 11 -0.17 -22.03 -37.57
N ALA C 12 -1.00 -22.98 -37.99
CA ALA C 12 -0.66 -24.38 -37.82
C ALA C 12 0.64 -24.66 -38.54
N ARG C 13 0.81 -24.07 -39.72
CA ARG C 13 2.05 -24.25 -40.46
C ARG C 13 3.20 -23.65 -39.67
N LYS C 14 2.93 -22.52 -39.01
CA LYS C 14 3.98 -21.84 -38.26
C LYS C 14 4.49 -22.68 -37.10
N LEU C 15 3.59 -23.27 -36.33
CA LEU C 15 4.02 -24.02 -35.15
C LEU C 15 4.92 -25.19 -35.52
N VAL C 16 4.50 -25.98 -36.49
CA VAL C 16 5.32 -27.10 -36.92
C VAL C 16 6.63 -26.58 -37.48
N GLU C 17 6.57 -25.49 -38.22
CA GLU C 17 7.78 -24.91 -38.78
C GLU C 17 8.70 -24.49 -37.65
N GLN C 18 8.14 -23.83 -36.64
CA GLN C 18 8.94 -23.41 -35.50
C GLN C 18 9.48 -24.63 -34.78
N LEU C 19 8.62 -25.63 -34.62
CA LEU C 19 9.05 -26.85 -33.96
C LEU C 19 10.21 -27.44 -34.73
N LYS C 20 10.12 -27.42 -36.05
CA LYS C 20 11.19 -27.94 -36.90
C LYS C 20 12.46 -27.13 -36.71
N MET C 21 12.32 -25.82 -36.61
CA MET C 21 13.48 -24.96 -36.44
C MET C 21 14.23 -25.36 -35.18
N GLU C 22 13.49 -25.60 -34.11
CA GLU C 22 14.12 -26.01 -32.86
C GLU C 22 14.27 -27.52 -32.81
N ALA C 23 13.80 -28.20 -33.84
CA ALA C 23 13.85 -29.66 -33.85
C ALA C 23 15.28 -30.15 -33.95
N ASN C 24 16.17 -29.28 -34.42
CA ASN C 24 17.56 -29.68 -34.59
C ASN C 24 18.48 -28.85 -33.73
N ILE C 25 17.98 -28.36 -32.60
CA ILE C 25 18.80 -27.49 -31.77
C ILE C 25 20.12 -28.12 -31.40
N ASP C 26 21.22 -27.45 -31.72
CA ASP C 26 22.53 -27.95 -31.35
C ASP C 26 22.65 -27.83 -29.85
N ARG C 27 23.31 -28.80 -29.22
CA ARG C 27 23.41 -28.79 -27.77
C ARG C 27 24.70 -29.46 -27.33
N ILE C 28 25.26 -28.97 -26.23
CA ILE C 28 26.44 -29.56 -25.62
C ILE C 28 26.00 -30.29 -24.35
N LYS C 29 26.94 -31.02 -23.75
CA LYS C 29 26.65 -31.78 -22.55
C LYS C 29 26.13 -30.88 -21.45
N VAL C 30 25.09 -31.35 -20.76
CA VAL C 30 24.47 -30.55 -19.70
C VAL C 30 25.47 -30.29 -18.57
N SER C 31 26.23 -31.31 -18.20
CA SER C 31 27.25 -31.13 -17.17
C SER C 31 28.30 -30.12 -17.63
N LYS C 32 28.67 -30.16 -18.92
CA LYS C 32 29.63 -29.21 -19.43
C LYS C 32 29.12 -27.78 -19.31
N ALA C 33 27.84 -27.56 -19.66
CA ALA C 33 27.24 -26.25 -19.45
C ALA C 33 27.12 -25.95 -17.95
N ALA C 34 26.71 -26.93 -17.16
CA ALA C 34 26.60 -26.73 -15.72
C ALA C 34 27.97 -26.43 -15.11
N ALA C 35 29.00 -27.16 -15.53
CA ALA C 35 30.35 -26.89 -15.02
C ALA C 35 30.83 -25.52 -15.46
N ASP C 36 30.36 -25.03 -16.61
CA ASP C 36 30.74 -23.70 -17.06
C ASP C 36 30.27 -22.64 -16.09
N LEU C 37 29.09 -22.83 -15.50
CA LEU C 37 28.59 -21.88 -14.51
C LEU C 37 29.46 -21.85 -13.27
N MET C 38 30.06 -23.00 -12.91
CA MET C 38 30.96 -23.04 -11.76
C MET C 38 32.16 -22.14 -11.96
N ALA C 39 32.76 -22.19 -13.15
CA ALA C 39 33.97 -21.42 -13.42
C ALA C 39 33.70 -19.93 -13.34
N TYR C 40 32.59 -19.47 -13.91
CA TYR C 40 32.26 -18.05 -13.86
C TYR C 40 32.02 -17.60 -12.42
N CYS C 41 31.31 -18.41 -11.63
CA CYS C 41 31.07 -18.04 -10.25
C CYS C 41 32.36 -18.01 -9.44
N GLU C 42 33.23 -19.00 -9.63
CA GLU C 42 34.47 -19.06 -8.86
C GLU C 42 35.42 -17.94 -9.26
N ALA C 43 35.52 -17.64 -10.56
CA ALA C 43 36.50 -16.68 -11.02
C ALA C 43 36.24 -15.29 -10.46
N HIS C 44 34.99 -14.86 -10.44
CA HIS C 44 34.64 -13.51 -10.04
C HIS C 44 34.19 -13.41 -8.58
N ALA C 45 34.35 -14.49 -7.80
CA ALA C 45 33.94 -14.47 -6.41
C ALA C 45 34.74 -13.43 -5.62
N LYS C 46 36.04 -13.34 -5.87
CA LYS C 46 36.87 -12.41 -5.13
C LYS C 46 36.55 -10.96 -5.44
N GLU C 47 35.95 -10.67 -6.59
CA GLU C 47 35.65 -9.31 -7.00
C GLU C 47 34.19 -8.92 -6.76
N ASP C 48 33.44 -9.75 -6.04
CA ASP C 48 32.04 -9.45 -5.77
C ASP C 48 31.95 -8.48 -4.59
N PRO C 49 31.41 -7.27 -4.79
CA PRO C 49 31.22 -6.37 -3.65
C PRO C 49 30.08 -6.78 -2.74
N LEU C 50 29.29 -7.77 -3.14
CA LEU C 50 28.08 -8.15 -2.42
C LEU C 50 28.17 -9.50 -1.74
N LEU C 51 28.98 -10.42 -2.26
CA LEU C 51 29.16 -11.71 -1.60
C LEU C 51 30.14 -11.60 -0.44
N THR C 52 31.38 -11.25 -0.73
CA THR C 52 32.34 -10.95 0.32
C THR C 52 32.03 -9.57 0.90
N PRO C 53 31.97 -9.43 2.22
CA PRO C 53 31.66 -8.12 2.81
C PRO C 53 32.63 -7.04 2.32
N VAL C 54 32.07 -5.90 1.96
CA VAL C 54 32.80 -4.84 1.27
C VAL C 54 33.73 -4.12 2.24
N PRO C 55 34.97 -3.83 1.86
CA PRO C 55 35.82 -2.98 2.70
C PRO C 55 35.23 -1.58 2.83
N ALA C 56 35.04 -1.14 4.08
CA ALA C 56 34.37 0.12 4.34
C ALA C 56 35.14 1.32 3.82
N SER C 57 36.44 1.15 3.54
CA SER C 57 37.26 2.28 3.09
C SER C 57 36.83 2.80 1.74
N GLU C 58 36.14 2.00 0.93
CA GLU C 58 35.74 2.42 -0.41
C GLU C 58 34.27 2.20 -0.71
N ASN C 59 33.51 1.62 0.21
CA ASN C 59 32.08 1.39 -0.03
C ASN C 59 31.33 2.71 0.01
N PRO C 60 30.65 3.10 -1.08
CA PRO C 60 29.90 4.36 -1.05
C PRO C 60 28.70 4.32 -0.13
N PHE C 61 28.24 3.15 0.28
CA PHE C 61 27.09 3.02 1.17
C PHE C 61 27.50 2.67 2.60
N ARG C 62 28.78 2.71 2.91
CA ARG C 62 29.25 2.43 4.26
C ARG C 62 29.07 3.65 5.16
N LEU D 8 -5.69 -30.17 -41.90
CA LEU D 8 -5.51 -29.49 -40.62
C LEU D 8 -5.45 -30.49 -39.47
N ASP D 9 -6.32 -31.49 -39.52
CA ASP D 9 -6.34 -32.51 -38.48
C ASP D 9 -5.03 -33.30 -38.45
N GLN D 10 -4.51 -33.66 -39.63
CA GLN D 10 -3.23 -34.36 -39.69
C GLN D 10 -2.09 -33.46 -39.20
N LEU D 11 -2.13 -32.18 -39.58
CA LEU D 11 -1.08 -31.26 -39.14
C LEU D 11 -1.09 -31.07 -37.63
N ARG D 12 -2.29 -30.98 -37.03
CA ARG D 12 -2.38 -30.82 -35.59
C ARG D 12 -1.81 -32.03 -34.86
N GLN D 13 -2.12 -33.24 -35.35
CA GLN D 13 -1.55 -34.44 -34.75
C GLN D 13 -0.05 -34.53 -35.03
N GLU D 14 0.39 -34.10 -36.22
CA GLU D 14 1.80 -34.14 -36.55
C GLU D 14 2.62 -33.20 -35.67
N ALA D 15 2.05 -32.05 -35.29
CA ALA D 15 2.77 -31.09 -34.47
C ALA D 15 3.14 -31.67 -33.11
N GLU D 16 2.31 -32.58 -32.58
CA GLU D 16 2.58 -33.14 -31.25
C GLU D 16 3.82 -34.02 -31.26
N GLN D 17 4.00 -34.83 -32.30
CA GLN D 17 5.09 -35.80 -32.29
C GLN D 17 6.46 -35.17 -32.45
N LEU D 18 6.53 -33.95 -33.00
CA LEU D 18 7.83 -33.26 -33.08
C LEU D 18 8.36 -32.96 -31.68
N LYS D 19 7.49 -32.51 -30.78
CA LYS D 19 7.94 -32.12 -29.44
C LYS D 19 8.39 -33.32 -28.63
N ASN D 20 7.80 -34.50 -28.87
CA ASN D 20 8.17 -35.69 -28.10
C ASN D 20 9.64 -36.04 -28.29
N GLN D 21 10.13 -35.97 -29.54
CA GLN D 21 11.56 -36.14 -29.78
C GLN D 21 12.36 -35.01 -29.14
N ILE D 22 11.85 -33.78 -29.23
CA ILE D 22 12.52 -32.64 -28.61
C ILE D 22 12.52 -32.78 -27.10
N ARG D 23 11.43 -33.32 -26.54
CA ARG D 23 11.39 -33.59 -25.11
C ARG D 23 12.46 -34.60 -24.72
N ASP D 24 12.65 -35.64 -25.53
CA ASP D 24 13.71 -36.61 -25.27
C ASP D 24 15.10 -36.05 -25.58
N ALA D 25 15.18 -34.97 -26.37
CA ALA D 25 16.46 -34.36 -26.64
C ALA D 25 17.08 -33.81 -25.35
N ARG D 26 16.27 -33.19 -24.50
CA ARG D 26 16.75 -32.76 -23.19
C ARG D 26 17.20 -33.95 -22.36
N LYS D 27 16.43 -35.04 -22.39
CA LYS D 27 16.83 -36.25 -21.67
C LYS D 27 18.11 -36.83 -22.27
N ALA D 28 18.23 -36.83 -23.59
CA ALA D 28 19.43 -37.38 -24.23
C ALA D 28 20.67 -36.60 -23.85
N CYS D 29 20.58 -35.26 -23.84
CA CYS D 29 21.73 -34.43 -23.48
C CYS D 29 21.93 -34.31 -21.97
N ALA D 30 20.97 -34.75 -21.16
CA ALA D 30 21.10 -34.62 -19.72
C ALA D 30 22.20 -35.53 -19.20
N ASP D 31 23.00 -35.00 -18.26
CA ASP D 31 24.07 -35.76 -17.64
C ASP D 31 23.80 -36.00 -16.16
N ALA D 32 23.60 -34.93 -15.39
CA ALA D 32 23.33 -35.04 -13.97
C ALA D 32 22.65 -33.77 -13.48
N THR D 33 21.97 -33.88 -12.35
CA THR D 33 21.34 -32.71 -11.74
C THR D 33 22.40 -31.74 -11.23
N LEU D 34 22.10 -30.45 -11.32
CA LEU D 34 23.04 -29.44 -10.85
C LEU D 34 23.36 -29.66 -9.40
N SER D 35 22.39 -30.15 -8.65
CA SER D 35 22.63 -30.46 -7.25
C SER D 35 23.71 -31.50 -7.18
N GLN D 36 23.59 -32.54 -7.98
CA GLN D 36 24.61 -33.58 -8.02
C GLN D 36 25.92 -32.96 -8.46
N ILE D 37 25.85 -32.09 -9.46
CA ILE D 37 27.06 -31.43 -9.95
C ILE D 37 27.70 -30.59 -8.86
N THR D 38 26.88 -29.97 -8.02
CA THR D 38 27.40 -29.11 -6.96
C THR D 38 26.97 -29.61 -5.59
N ASN D 39 27.78 -30.47 -5.00
CA ASN D 39 27.46 -31.00 -3.68
C ASN D 39 28.46 -30.51 -2.65
N ASN D 40 29.73 -30.45 -3.02
CA ASN D 40 30.77 -30.05 -2.08
C ASN D 40 31.21 -28.61 -2.27
N ILE D 41 30.54 -27.88 -3.16
CA ILE D 41 30.91 -26.50 -3.41
C ILE D 41 30.85 -25.70 -2.12
N ASP D 42 31.81 -24.80 -1.94
CA ASP D 42 31.87 -23.99 -0.72
C ASP D 42 30.49 -23.49 -0.31
N PRO D 43 30.22 -23.45 1.00
CA PRO D 43 28.93 -22.89 1.41
C PRO D 43 28.88 -21.39 1.15
N VAL D 44 27.69 -20.90 0.84
CA VAL D 44 27.52 -19.48 0.52
C VAL D 44 27.74 -18.63 1.77
N GLY D 45 27.43 -19.15 2.95
CA GLY D 45 27.55 -18.37 4.16
C GLY D 45 26.35 -17.48 4.39
N ARG D 46 26.15 -17.04 5.62
CA ARG D 46 25.02 -16.17 5.93
C ARG D 46 25.37 -14.74 5.54
N ILE D 47 24.71 -14.22 4.51
CA ILE D 47 24.90 -12.83 4.09
C ILE D 47 24.00 -11.97 4.99
N GLN D 48 24.59 -11.39 6.04
CA GLN D 48 23.85 -10.55 6.97
C GLN D 48 23.82 -9.10 6.46
N MET D 49 23.27 -8.94 5.27
CA MET D 49 23.14 -7.63 4.67
C MET D 49 22.15 -6.77 5.45
N ARG D 50 22.42 -5.46 5.51
CA ARG D 50 21.57 -4.52 6.21
C ARG D 50 21.23 -3.36 5.27
N THR D 51 20.37 -2.47 5.75
CA THR D 51 19.93 -1.34 4.95
C THR D 51 20.92 -0.19 5.09
N ARG D 52 21.47 0.26 3.97
CA ARG D 52 22.43 1.36 3.94
C ARG D 52 21.86 2.63 3.34
N ARG D 53 20.57 2.67 3.06
CA ARG D 53 19.90 3.84 2.51
C ARG D 53 18.40 3.55 2.48
N THR D 54 17.61 4.63 2.48
CA THR D 54 16.15 4.49 2.43
C THR D 54 15.60 5.74 1.75
N LEU D 55 15.33 5.64 0.45
CA LEU D 55 14.76 6.76 -0.28
C LEU D 55 13.26 6.83 -0.07
N ARG D 56 12.70 8.02 -0.30
CA ARG D 56 11.29 8.27 -0.04
C ARG D 56 10.81 9.34 -1.01
N GLY D 57 9.57 9.79 -0.81
CA GLY D 57 9.00 10.83 -1.61
C GLY D 57 8.04 10.38 -2.68
N HIS D 58 7.75 9.08 -2.77
CA HIS D 58 6.78 8.58 -3.72
C HIS D 58 5.39 8.62 -3.12
N LEU D 59 4.44 9.13 -3.90
CA LEU D 59 3.09 9.33 -3.38
C LEU D 59 2.33 8.01 -3.22
N ALA D 60 2.55 7.07 -4.13
CA ALA D 60 1.80 5.82 -4.09
C ALA D 60 2.72 4.63 -4.28
N LYS D 61 2.13 3.46 -4.50
CA LYS D 61 2.88 2.21 -4.55
C LYS D 61 3.78 2.15 -5.78
N ILE D 62 4.96 1.57 -5.59
CA ILE D 62 5.97 1.43 -6.64
C ILE D 62 5.71 0.14 -7.41
N TYR D 63 5.78 0.22 -8.74
CA TYR D 63 5.75 -0.98 -9.57
C TYR D 63 7.05 -1.22 -10.34
N ALA D 64 7.85 -0.19 -10.59
CA ALA D 64 9.02 -0.36 -11.43
C ALA D 64 10.22 0.38 -10.83
N MET D 65 11.40 -0.22 -11.01
CA MET D 65 12.66 0.39 -10.65
C MET D 65 13.76 -0.27 -11.45
N HIS D 66 14.68 0.54 -11.96
CA HIS D 66 15.77 0.03 -12.78
C HIS D 66 17.00 0.90 -12.56
N TRP D 67 18.14 0.25 -12.31
CA TRP D 67 19.38 0.97 -12.08
C TRP D 67 19.88 1.60 -13.38
N GLY D 68 21.03 2.26 -13.28
CA GLY D 68 21.70 2.78 -14.44
C GLY D 68 23.10 2.21 -14.55
N THR D 69 23.64 2.28 -15.77
CA THR D 69 25.00 1.80 -15.99
C THR D 69 26.06 2.65 -15.32
N ASP D 70 25.70 3.83 -14.82
CA ASP D 70 26.65 4.67 -14.11
C ASP D 70 26.78 4.30 -12.65
N SER D 71 26.09 3.26 -12.19
CA SER D 71 26.19 2.69 -10.86
C SER D 71 25.69 3.63 -9.76
N ARG D 72 25.18 4.79 -10.09
CA ARG D 72 24.83 5.76 -9.07
C ARG D 72 23.39 6.23 -9.13
N LEU D 73 22.84 6.42 -10.33
CA LEU D 73 21.49 6.90 -10.50
C LEU D 73 20.53 5.74 -10.75
N LEU D 74 19.33 5.85 -10.19
CA LEU D 74 18.29 4.85 -10.38
C LEU D 74 16.93 5.53 -10.53
N VAL D 75 16.13 5.00 -11.45
CA VAL D 75 14.82 5.57 -11.78
C VAL D 75 13.74 4.68 -11.17
N SER D 76 12.58 5.28 -10.89
CA SER D 76 11.48 4.56 -10.25
C SER D 76 10.15 5.15 -10.67
N ALA D 77 9.14 4.30 -10.81
CA ALA D 77 7.82 4.70 -11.25
C ALA D 77 6.76 4.19 -10.28
N SER D 78 5.70 4.97 -10.12
CA SER D 78 4.63 4.64 -9.18
C SER D 78 3.28 5.04 -9.75
N GLN D 79 2.22 4.63 -9.07
CA GLN D 79 0.86 4.99 -9.44
C GLN D 79 0.54 6.46 -9.22
N ASP D 80 1.45 7.23 -8.63
CA ASP D 80 1.25 8.67 -8.58
C ASP D 80 1.28 9.31 -9.95
N GLY D 81 1.74 8.60 -10.97
CA GLY D 81 1.92 9.20 -12.28
C GLY D 81 3.20 9.98 -12.42
N LYS D 82 4.21 9.69 -11.62
CA LYS D 82 5.46 10.44 -11.63
C LYS D 82 6.63 9.48 -11.70
N LEU D 83 7.69 9.93 -12.36
CA LEU D 83 8.97 9.22 -12.41
C LEU D 83 9.99 10.03 -11.63
N ILE D 84 10.61 9.41 -10.63
CA ILE D 84 11.61 10.06 -9.80
C ILE D 84 12.96 9.44 -10.09
N ILE D 85 13.95 10.28 -10.36
CA ILE D 85 15.33 9.84 -10.58
C ILE D 85 16.12 10.18 -9.34
N TRP D 86 16.81 9.18 -8.79
CA TRP D 86 17.42 9.27 -7.47
C TRP D 86 18.94 9.14 -7.58
N ASP D 87 19.64 9.83 -6.70
CA ASP D 87 21.07 9.64 -6.48
C ASP D 87 21.22 8.78 -5.24
N SER D 88 21.60 7.51 -5.43
CA SER D 88 21.69 6.59 -4.30
C SER D 88 22.77 7.01 -3.32
N TYR D 89 23.88 7.55 -3.82
CA TYR D 89 24.98 7.91 -2.94
C TYR D 89 24.58 8.98 -1.94
N THR D 90 23.86 10.00 -2.40
CA THR D 90 23.56 11.16 -1.57
C THR D 90 22.09 11.32 -1.24
N THR D 91 21.23 10.44 -1.74
CA THR D 91 19.79 10.47 -1.47
C THR D 91 19.16 11.81 -1.82
N ASN D 92 19.58 12.39 -2.93
CA ASN D 92 18.90 13.55 -3.48
C ASN D 92 18.01 13.16 -4.65
N LYS D 93 17.07 14.03 -4.98
CA LYS D 93 16.19 13.84 -6.11
C LYS D 93 16.63 14.75 -7.25
N VAL D 94 16.83 14.15 -8.43
CA VAL D 94 17.29 14.91 -9.59
C VAL D 94 16.09 15.43 -10.37
N HIS D 95 15.25 14.53 -10.84
CA HIS D 95 14.13 14.88 -11.70
C HIS D 95 12.87 14.18 -11.23
N ALA D 96 11.74 14.89 -11.31
CA ALA D 96 10.41 14.31 -11.13
C ALA D 96 9.65 14.50 -12.42
N ILE D 97 9.25 13.38 -13.04
CA ILE D 97 8.71 13.43 -14.40
C ILE D 97 7.21 13.24 -14.35
N PRO D 98 6.42 14.27 -14.63
CA PRO D 98 4.98 14.07 -14.82
C PRO D 98 4.72 13.31 -16.11
N LEU D 99 3.64 12.54 -16.11
CA LEU D 99 3.28 11.71 -17.25
C LEU D 99 1.94 12.16 -17.82
N ARG D 100 1.78 11.99 -19.14
CA ARG D 100 0.50 12.30 -19.76
C ARG D 100 -0.60 11.41 -19.20
N SER D 101 -0.31 10.13 -19.01
CA SER D 101 -1.22 9.21 -18.36
C SER D 101 -0.87 9.14 -16.87
N SER D 102 -1.52 8.24 -16.14
CA SER D 102 -1.24 8.09 -14.71
C SER D 102 -1.16 6.63 -14.28
N TRP D 103 -1.07 5.68 -15.22
CA TRP D 103 -1.02 4.26 -14.90
C TRP D 103 0.22 3.68 -15.56
N VAL D 104 1.34 3.73 -14.86
CA VAL D 104 2.63 3.28 -15.37
C VAL D 104 2.98 1.96 -14.70
N MET D 105 3.48 1.02 -15.49
CA MET D 105 3.74 -0.33 -15.03
C MET D 105 5.20 -0.75 -15.20
N THR D 106 6.01 0.01 -15.92
CA THR D 106 7.41 -0.32 -16.08
C THR D 106 8.20 0.95 -16.35
N CYS D 107 9.49 0.91 -16.04
CA CYS D 107 10.41 1.99 -16.33
C CYS D 107 11.74 1.41 -16.77
N ALA D 108 12.52 2.23 -17.48
CA ALA D 108 13.81 1.82 -17.99
C ALA D 108 14.75 3.00 -17.99
N TYR D 109 16.05 2.70 -18.01
CA TYR D 109 17.08 3.72 -17.96
C TYR D 109 18.06 3.48 -19.09
N ALA D 110 18.38 4.53 -19.83
CA ALA D 110 19.31 4.41 -20.94
C ALA D 110 20.74 4.24 -20.42
N PRO D 111 21.51 3.29 -20.94
CA PRO D 111 22.92 3.20 -20.55
C PRO D 111 23.69 4.49 -20.80
N SER D 112 23.38 5.19 -21.89
CA SER D 112 23.98 6.50 -22.10
C SER D 112 23.54 7.48 -21.03
N GLY D 113 22.27 7.41 -20.63
CA GLY D 113 21.74 8.26 -19.59
C GLY D 113 20.94 9.45 -20.06
N ASN D 114 20.71 9.58 -21.37
CA ASN D 114 19.98 10.72 -21.91
C ASN D 114 18.49 10.46 -22.07
N TYR D 115 18.01 9.26 -21.76
CA TYR D 115 16.60 8.95 -21.95
C TYR D 115 16.12 7.98 -20.88
N VAL D 116 14.82 8.01 -20.62
CA VAL D 116 14.18 7.10 -19.68
C VAL D 116 12.84 6.68 -20.28
N ALA D 117 12.62 5.37 -20.40
CA ALA D 117 11.38 4.85 -20.93
C ALA D 117 10.38 4.60 -19.81
N CYS D 118 9.11 4.84 -20.10
CA CYS D 118 8.04 4.58 -19.15
C CYS D 118 6.78 4.19 -19.91
N GLY D 119 6.10 3.17 -19.41
CA GLY D 119 4.88 2.70 -20.05
C GLY D 119 3.98 2.02 -19.05
N GLY D 120 2.71 1.91 -19.43
CA GLY D 120 1.73 1.30 -18.54
C GLY D 120 0.47 0.84 -19.24
N LEU D 121 -0.68 1.10 -18.61
CA LEU D 121 -1.95 0.66 -19.19
C LEU D 121 -2.21 1.34 -20.53
N ASP D 122 -1.71 2.55 -20.71
CA ASP D 122 -1.76 3.18 -22.02
C ASP D 122 -0.98 2.34 -23.03
N ASN D 123 -1.51 2.26 -24.24
CA ASN D 123 -0.86 1.46 -25.27
C ASN D 123 0.49 2.03 -25.69
N ILE D 124 0.80 3.26 -25.29
CA ILE D 124 2.03 3.93 -25.69
C ILE D 124 2.95 4.03 -24.48
N CYS D 125 4.20 3.63 -24.67
CA CYS D 125 5.24 3.83 -23.66
C CYS D 125 6.12 5.00 -24.09
N SER D 126 6.26 5.98 -23.21
CA SER D 126 6.93 7.23 -23.57
C SER D 126 8.44 7.10 -23.44
N ILE D 127 9.15 7.63 -24.41
CA ILE D 127 10.61 7.69 -24.39
C ILE D 127 10.95 9.13 -24.03
N TYR D 128 11.17 9.38 -22.74
CA TYR D 128 11.44 10.72 -22.27
C TYR D 128 12.89 11.10 -22.54
N ASN D 129 13.09 12.37 -22.91
CA ASN D 129 14.42 12.91 -23.14
C ASN D 129 14.95 13.50 -21.85
N LEU D 130 16.11 13.04 -21.39
CA LEU D 130 16.66 13.45 -20.11
C LEU D 130 17.68 14.56 -20.19
N LYS D 131 18.37 14.69 -21.32
CA LYS D 131 19.39 15.72 -21.50
C LYS D 131 18.81 16.87 -22.31
N THR D 132 18.89 18.08 -21.77
CA THR D 132 18.36 19.25 -22.44
C THR D 132 19.43 20.33 -22.56
N ASN D 136 12.51 21.10 -18.00
CA ASN D 136 13.21 20.03 -17.30
C ASN D 136 13.34 18.79 -18.18
N VAL D 137 12.31 17.94 -18.15
CA VAL D 137 12.28 16.70 -18.92
C VAL D 137 11.00 16.69 -19.75
N ARG D 138 11.14 16.39 -21.04
CA ARG D 138 10.01 16.27 -21.96
C ARG D 138 10.08 14.91 -22.64
N VAL D 139 9.07 14.61 -23.45
CA VAL D 139 9.01 13.35 -24.19
C VAL D 139 9.79 13.51 -25.49
N SER D 140 10.80 12.65 -25.67
CA SER D 140 11.51 12.63 -26.94
C SER D 140 10.64 12.03 -28.04
N ARG D 141 9.95 10.93 -27.74
CA ARG D 141 9.06 10.30 -28.69
C ARG D 141 8.08 9.42 -27.95
N GLU D 142 6.81 9.50 -28.32
CA GLU D 142 5.78 8.59 -27.84
C GLU D 142 5.51 7.57 -28.94
N LEU D 143 5.64 6.29 -28.60
CA LEU D 143 5.63 5.26 -29.63
C LEU D 143 4.24 5.08 -30.22
N ALA D 144 4.19 4.39 -31.36
CA ALA D 144 2.92 4.26 -32.09
C ALA D 144 1.87 3.55 -31.25
N GLY D 145 2.24 2.47 -30.57
CA GLY D 145 1.32 1.80 -29.68
C GLY D 145 1.05 0.36 -30.05
N HIS D 146 0.59 -0.42 -29.09
CA HIS D 146 0.22 -1.81 -29.27
C HIS D 146 -1.27 -1.96 -28.94
N THR D 147 -1.75 -3.21 -28.94
CA THR D 147 -3.15 -3.45 -28.66
C THR D 147 -3.46 -3.33 -27.17
N GLY D 148 -2.52 -3.66 -26.30
CA GLY D 148 -2.76 -3.71 -24.88
C GLY D 148 -1.85 -2.78 -24.11
N TYR D 149 -1.34 -3.28 -22.98
CA TYR D 149 -0.56 -2.50 -22.04
C TYR D 149 0.88 -2.98 -22.02
N LEU D 150 1.80 -2.03 -21.98
CA LEU D 150 3.22 -2.35 -21.93
C LEU D 150 3.60 -2.83 -20.52
N SER D 151 4.29 -3.96 -20.45
CA SER D 151 4.62 -4.58 -19.17
C SER D 151 6.06 -4.37 -18.76
N CYS D 152 7.00 -4.37 -19.70
CA CYS D 152 8.41 -4.18 -19.39
C CYS D 152 9.11 -3.55 -20.58
N CYS D 153 9.88 -2.51 -20.32
CA CYS D 153 10.64 -1.80 -21.35
C CYS D 153 12.11 -1.82 -20.99
N ARG D 154 12.96 -2.05 -22.00
CA ARG D 154 14.40 -2.02 -21.82
C ARG D 154 15.05 -1.36 -23.03
N PHE D 155 16.14 -0.65 -22.76
CA PHE D 155 16.93 0.00 -23.81
C PHE D 155 17.99 -0.98 -24.28
N LEU D 156 17.75 -1.58 -25.46
CA LEU D 156 18.78 -2.40 -26.09
C LEU D 156 20.03 -1.59 -26.37
N ASP D 157 19.84 -0.37 -26.90
CA ASP D 157 20.92 0.58 -27.06
C ASP D 157 20.30 1.97 -26.94
N ASP D 158 21.10 3.00 -27.23
CA ASP D 158 20.55 4.36 -27.23
C ASP D 158 19.62 4.60 -28.40
N ASN D 159 19.59 3.70 -29.38
CA ASN D 159 18.80 3.89 -30.59
C ASN D 159 17.73 2.83 -30.76
N GLN D 160 17.84 1.68 -30.11
CA GLN D 160 16.89 0.58 -30.24
C GLN D 160 16.22 0.32 -28.89
N ILE D 161 14.92 0.05 -28.92
CA ILE D 161 14.13 -0.19 -27.73
C ILE D 161 13.36 -1.48 -27.91
N VAL D 162 13.34 -2.31 -26.86
CA VAL D 162 12.61 -3.57 -26.87
C VAL D 162 11.52 -3.49 -25.78
N THR D 163 10.33 -3.97 -26.11
CA THR D 163 9.16 -3.80 -25.26
C THR D 163 8.40 -5.11 -25.14
N SER D 164 7.63 -5.22 -24.05
CA SER D 164 6.72 -6.33 -23.83
C SER D 164 5.35 -5.77 -23.50
N SER D 165 4.32 -6.19 -24.23
CA SER D 165 2.97 -5.67 -24.02
C SER D 165 2.01 -6.75 -23.58
N GLY D 166 0.72 -6.42 -23.53
CA GLY D 166 -0.28 -7.39 -23.11
C GLY D 166 -0.86 -8.16 -24.27
N ASP D 167 -0.24 -8.04 -25.44
CA ASP D 167 -0.76 -8.69 -26.64
C ASP D 167 0.08 -9.87 -27.08
N THR D 168 0.72 -10.56 -26.12
CA THR D 168 1.62 -11.66 -26.48
C THR D 168 2.61 -11.15 -27.49
N THR D 169 2.85 -9.84 -27.50
CA THR D 169 3.72 -9.27 -28.52
C THR D 169 4.91 -8.52 -28.00
N CYS D 170 6.09 -8.82 -28.53
CA CYS D 170 7.28 -8.09 -28.17
C CYS D 170 7.77 -7.48 -29.46
N ALA D 171 8.43 -6.33 -29.38
CA ALA D 171 8.84 -5.66 -30.60
C ALA D 171 10.07 -4.80 -30.35
N LEU D 172 11.04 -4.90 -31.25
CA LEU D 172 12.15 -3.96 -31.30
C LEU D 172 11.68 -2.66 -31.93
N TRP D 173 12.14 -1.55 -31.39
CA TRP D 173 11.64 -0.23 -31.77
C TRP D 173 12.78 0.59 -32.37
N ASP D 174 12.47 1.84 -32.68
CA ASP D 174 13.49 2.77 -33.19
C ASP D 174 12.96 4.18 -33.03
N ILE D 175 13.67 5.01 -32.29
CA ILE D 175 13.30 6.42 -32.18
C ILE D 175 13.45 7.14 -33.51
N GLU D 176 14.47 6.74 -34.30
CA GLU D 176 14.77 7.46 -35.53
C GLU D 176 13.59 7.41 -36.51
N THR D 177 12.98 6.24 -36.67
CA THR D 177 11.84 6.10 -37.55
C THR D 177 10.50 6.21 -36.84
N GLY D 178 10.49 6.07 -35.51
CA GLY D 178 9.23 6.11 -34.77
C GLY D 178 8.28 4.98 -35.13
N GLN D 179 8.81 3.82 -35.47
CA GLN D 179 7.98 2.68 -35.86
C GLN D 179 8.73 1.41 -35.52
N GLN D 180 7.99 0.39 -35.07
CA GLN D 180 8.58 -0.87 -34.65
C GLN D 180 9.27 -1.57 -35.82
N THR D 181 10.61 -1.66 -35.76
CA THR D 181 11.37 -2.18 -36.88
C THR D 181 11.09 -3.67 -37.10
N THR D 182 11.19 -4.45 -36.04
CA THR D 182 10.98 -5.88 -36.15
C THR D 182 10.15 -6.39 -34.98
N THR D 183 8.85 -6.51 -35.20
CA THR D 183 7.98 -7.04 -34.15
C THR D 183 8.22 -8.53 -33.95
N PHE D 184 7.84 -9.03 -32.78
CA PHE D 184 8.01 -10.45 -32.50
C PHE D 184 6.70 -11.02 -32.00
N THR D 185 6.33 -12.19 -32.51
CA THR D 185 5.07 -12.81 -32.09
C THR D 185 5.23 -14.29 -31.76
N GLY D 186 4.37 -14.81 -30.90
CA GLY D 186 4.42 -16.23 -30.57
C GLY D 186 4.30 -16.57 -29.09
N HIS D 187 4.52 -15.60 -28.21
CA HIS D 187 4.48 -15.89 -26.77
C HIS D 187 3.06 -15.85 -26.25
N THR D 188 2.29 -16.91 -26.50
CA THR D 188 0.88 -16.93 -26.12
C THR D 188 0.67 -16.46 -24.69
N GLY D 189 -0.46 -15.82 -24.46
CA GLY D 189 -0.77 -15.32 -23.13
C GLY D 189 -0.48 -13.84 -23.02
N ASP D 190 0.25 -13.44 -21.99
CA ASP D 190 0.59 -12.04 -21.82
C ASP D 190 2.03 -11.92 -21.37
N VAL D 191 2.89 -11.42 -22.24
CA VAL D 191 4.29 -11.26 -21.87
C VAL D 191 4.39 -10.14 -20.86
N MET D 192 4.93 -10.45 -19.69
CA MET D 192 5.01 -9.46 -18.63
C MET D 192 6.45 -9.14 -18.27
N SER D 193 7.39 -10.01 -18.65
CA SER D 193 8.76 -9.79 -18.24
C SER D 193 9.66 -9.76 -19.48
N LEU D 194 10.79 -9.07 -19.34
CA LEU D 194 11.75 -8.93 -20.43
C LEU D 194 13.11 -8.59 -19.86
N SER D 195 14.15 -9.16 -20.46
CA SER D 195 15.52 -8.91 -20.04
C SER D 195 16.45 -8.98 -21.25
N LEU D 196 17.62 -8.33 -21.12
CA LEU D 196 18.61 -8.27 -22.17
C LEU D 196 19.93 -8.89 -21.71
N ALA D 197 20.65 -9.45 -22.66
CA ALA D 197 21.92 -10.11 -22.36
C ALA D 197 23.05 -9.10 -22.29
N PRO D 198 24.09 -9.39 -21.51
CA PRO D 198 25.26 -8.50 -21.49
C PRO D 198 25.87 -8.31 -22.87
N ASP D 199 25.89 -9.36 -23.69
CA ASP D 199 26.16 -9.20 -25.11
C ASP D 199 24.85 -8.88 -25.82
N THR D 200 24.76 -7.66 -26.36
CA THR D 200 23.48 -7.09 -26.79
C THR D 200 23.10 -7.63 -28.15
N ARG D 201 22.79 -8.94 -28.17
CA ARG D 201 22.25 -9.58 -29.36
C ARG D 201 21.15 -10.58 -29.07
N LEU D 202 20.74 -10.74 -27.80
CA LEU D 202 19.71 -11.71 -27.45
C LEU D 202 18.85 -11.12 -26.35
N PHE D 203 17.63 -11.65 -26.25
CA PHE D 203 16.70 -11.25 -25.20
C PHE D 203 15.61 -12.30 -25.10
N VAL D 204 15.11 -12.52 -23.88
CA VAL D 204 14.01 -13.46 -23.69
C VAL D 204 12.83 -12.73 -23.05
N SER D 205 11.75 -13.46 -22.81
CA SER D 205 10.57 -12.89 -22.19
C SER D 205 9.79 -13.99 -21.49
N GLY D 206 8.97 -13.58 -20.54
CA GLY D 206 8.09 -14.50 -19.84
C GLY D 206 6.66 -14.01 -19.89
N ALA D 207 5.73 -14.96 -19.98
CA ALA D 207 4.33 -14.63 -20.21
C ALA D 207 3.46 -15.47 -19.27
N CYS D 208 2.15 -15.32 -19.42
CA CYS D 208 1.18 -16.09 -18.65
C CYS D 208 1.04 -17.51 -19.16
N ASP D 209 1.70 -17.85 -20.26
CA ASP D 209 1.68 -19.21 -20.80
C ASP D 209 2.53 -20.18 -19.98
N ALA D 210 3.00 -19.75 -18.81
CA ALA D 210 3.79 -20.58 -17.91
C ALA D 210 5.08 -21.05 -18.56
N SER D 211 5.58 -20.28 -19.53
CA SER D 211 6.81 -20.64 -20.22
C SER D 211 7.52 -19.38 -20.68
N ALA D 212 8.83 -19.50 -20.90
CA ALA D 212 9.66 -18.41 -21.38
C ALA D 212 10.29 -18.81 -22.71
N LYS D 213 10.48 -17.83 -23.57
CA LYS D 213 10.99 -18.06 -24.92
C LYS D 213 12.23 -17.22 -25.16
N LEU D 214 13.22 -17.81 -25.83
CA LEU D 214 14.46 -17.13 -26.17
C LEU D 214 14.36 -16.56 -27.58
N TRP D 215 14.77 -15.32 -27.75
CA TRP D 215 14.66 -14.62 -29.03
C TRP D 215 16.00 -14.05 -29.43
N ASP D 216 16.16 -13.85 -30.74
CA ASP D 216 17.34 -13.24 -31.33
C ASP D 216 16.93 -11.90 -31.93
N VAL D 217 17.66 -10.85 -31.58
CA VAL D 217 17.28 -9.49 -31.98
C VAL D 217 17.40 -9.31 -33.49
N ARG D 218 18.51 -9.80 -34.08
CA ARG D 218 18.74 -9.58 -35.50
C ARG D 218 17.67 -10.21 -36.38
N GLU D 219 16.93 -11.18 -35.87
CA GLU D 219 15.81 -11.79 -36.57
C GLU D 219 14.54 -11.54 -35.76
N GLY D 220 13.45 -12.18 -36.17
CA GLY D 220 12.19 -11.99 -35.50
C GLY D 220 11.49 -13.28 -35.09
N MET D 221 12.23 -14.38 -35.04
CA MET D 221 11.68 -15.67 -34.67
C MET D 221 12.42 -16.24 -33.48
N CYS D 222 11.67 -16.78 -32.53
CA CYS D 222 12.26 -17.36 -31.34
C CYS D 222 13.01 -18.64 -31.67
N ARG D 223 14.06 -18.93 -30.89
CA ARG D 223 14.87 -20.12 -31.09
C ARG D 223 14.70 -21.17 -30.00
N GLN D 224 14.38 -20.78 -28.77
CA GLN D 224 14.25 -21.71 -27.67
C GLN D 224 13.01 -21.39 -26.86
N THR D 225 12.46 -22.38 -26.17
CA THR D 225 11.31 -22.14 -25.32
C THR D 225 11.39 -22.90 -24.00
N PHE D 226 11.85 -22.23 -22.95
CA PHE D 226 11.94 -22.85 -21.65
C PHE D 226 10.58 -22.86 -20.97
N THR D 227 10.22 -23.98 -20.34
CA THR D 227 8.90 -24.08 -19.73
C THR D 227 8.89 -25.00 -18.52
N GLY D 228 7.76 -25.04 -17.82
CA GLY D 228 7.65 -25.90 -16.65
C GLY D 228 7.01 -25.17 -15.49
N HIS D 229 6.92 -23.86 -15.57
CA HIS D 229 6.35 -23.08 -14.48
C HIS D 229 4.90 -23.45 -14.24
N GLU D 230 4.48 -23.41 -12.99
CA GLU D 230 3.10 -23.77 -12.65
C GLU D 230 2.19 -22.55 -12.69
N SER D 231 2.75 -21.40 -13.03
CA SER D 231 1.96 -20.17 -13.06
C SER D 231 2.55 -19.14 -14.01
N ASP D 232 2.02 -17.92 -13.99
CA ASP D 232 2.51 -16.87 -14.87
C ASP D 232 3.84 -16.31 -14.42
N ILE D 233 4.75 -16.07 -15.36
CA ILE D 233 6.05 -15.49 -15.03
C ILE D 233 5.92 -14.00 -14.82
N ASN D 234 6.32 -13.52 -13.65
CA ASN D 234 6.23 -12.11 -13.35
C ASN D 234 7.51 -11.34 -13.63
N ALA D 235 8.67 -11.99 -13.57
CA ALA D 235 9.93 -11.30 -13.77
C ALA D 235 10.97 -12.29 -14.28
N ILE D 236 12.06 -11.74 -14.80
CA ILE D 236 13.15 -12.55 -15.34
C ILE D 236 14.40 -11.68 -15.40
N CYS D 237 15.57 -12.32 -15.28
CA CYS D 237 16.85 -11.62 -15.37
C CYS D 237 17.92 -12.63 -15.80
N PHE D 238 19.00 -12.11 -16.37
CA PHE D 238 20.03 -12.97 -16.93
C PHE D 238 21.22 -13.10 -15.97
N PHE D 239 21.92 -14.22 -16.09
CA PHE D 239 23.17 -14.42 -15.39
C PHE D 239 24.20 -13.41 -15.89
N PRO D 240 25.23 -13.09 -15.08
CA PRO D 240 26.29 -12.20 -15.57
C PRO D 240 26.85 -12.58 -16.94
N ASN D 241 26.95 -13.86 -17.25
CA ASN D 241 27.24 -14.30 -18.61
C ASN D 241 25.94 -14.59 -19.34
N GLY D 242 26.00 -14.50 -20.66
CA GLY D 242 24.81 -14.78 -21.47
C GLY D 242 24.55 -16.27 -21.64
N ASN D 243 24.43 -17.00 -20.52
CA ASN D 243 24.26 -18.45 -20.60
C ASN D 243 23.26 -19.01 -19.59
N ALA D 244 22.51 -18.17 -18.87
CA ALA D 244 21.61 -18.69 -17.84
C ALA D 244 20.49 -17.67 -17.60
N PHE D 245 19.47 -18.12 -16.89
CA PHE D 245 18.27 -17.33 -16.66
C PHE D 245 17.86 -17.46 -15.19
N ALA D 246 16.81 -16.72 -14.82
CA ALA D 246 16.16 -16.91 -13.52
C ALA D 246 14.74 -16.37 -13.67
N THR D 247 13.77 -17.28 -13.78
CA THR D 247 12.39 -16.90 -13.95
C THR D 247 11.64 -17.04 -12.62
N GLY D 248 10.93 -15.98 -12.23
CA GLY D 248 10.14 -16.00 -11.02
C GLY D 248 8.65 -15.92 -11.33
N SER D 249 7.95 -17.02 -11.13
CA SER D 249 6.52 -17.09 -11.40
C SER D 249 5.74 -17.08 -10.09
N ASP D 250 4.43 -17.21 -10.21
CA ASP D 250 3.56 -17.18 -9.04
C ASP D 250 3.45 -18.53 -8.35
N ASP D 251 4.15 -19.55 -8.83
CA ASP D 251 4.18 -20.85 -8.19
C ASP D 251 5.12 -20.89 -6.99
N ALA D 252 5.61 -19.73 -6.55
CA ALA D 252 6.56 -19.63 -5.44
C ALA D 252 7.80 -20.47 -5.70
N THR D 253 8.27 -20.47 -6.95
CA THR D 253 9.42 -21.28 -7.32
C THR D 253 10.17 -20.59 -8.46
N CYS D 254 11.26 -19.91 -8.13
CA CYS D 254 12.22 -19.52 -9.15
C CYS D 254 13.05 -20.73 -9.58
N ARG D 255 13.63 -20.65 -10.77
CA ARG D 255 14.44 -21.75 -11.28
C ARG D 255 15.50 -21.22 -12.22
N LEU D 256 16.54 -22.03 -12.42
CA LEU D 256 17.67 -21.69 -13.27
C LEU D 256 17.54 -22.41 -14.60
N PHE D 257 17.94 -21.73 -15.67
CA PHE D 257 17.86 -22.28 -17.02
C PHE D 257 19.22 -22.17 -17.70
N ASP D 258 19.43 -23.01 -18.70
CA ASP D 258 20.66 -23.02 -19.47
C ASP D 258 20.36 -23.09 -20.96
N LEU D 259 21.16 -22.37 -21.75
CA LEU D 259 20.94 -22.33 -23.19
C LEU D 259 21.19 -23.70 -23.83
N ARG D 260 22.42 -24.20 -23.72
CA ARG D 260 22.79 -25.45 -24.38
C ARG D 260 22.02 -26.62 -23.80
N ALA D 261 21.77 -26.61 -22.49
CA ALA D 261 21.00 -27.68 -21.88
C ALA D 261 19.55 -27.66 -22.35
N ASP D 262 19.01 -26.46 -22.62
CA ASP D 262 17.62 -26.30 -23.05
C ASP D 262 16.66 -26.93 -22.04
N GLN D 263 17.00 -26.81 -20.76
CA GLN D 263 16.19 -27.37 -19.69
C GLN D 263 16.56 -26.69 -18.38
N GLU D 264 15.70 -26.88 -17.38
CA GLU D 264 15.97 -26.33 -16.07
C GLU D 264 17.13 -27.07 -15.41
N LEU D 265 17.79 -26.38 -14.49
CA LEU D 265 18.91 -26.94 -13.75
C LEU D 265 18.54 -27.21 -12.29
N MET D 266 18.09 -26.19 -11.56
CA MET D 266 17.53 -26.38 -10.23
C MET D 266 16.34 -25.46 -10.06
N THR D 267 15.38 -25.91 -9.25
CA THR D 267 14.20 -25.14 -8.90
C THR D 267 14.37 -24.61 -7.47
N TYR D 268 14.20 -23.31 -7.30
CA TYR D 268 14.38 -22.66 -6.00
C TYR D 268 13.01 -22.48 -5.35
N SER D 269 12.75 -23.27 -4.31
CA SER D 269 11.50 -23.16 -3.58
C SER D 269 11.72 -23.62 -2.15
N HIS D 270 10.85 -23.16 -1.26
CA HIS D 270 10.93 -23.49 0.15
C HIS D 270 9.50 -23.72 0.65
N ASP D 271 9.36 -24.60 1.65
CA ASP D 271 8.04 -25.10 2.01
C ASP D 271 7.15 -23.99 2.57
N ASN D 272 7.73 -23.10 3.37
CA ASN D 272 6.96 -22.02 3.96
C ASN D 272 6.78 -20.89 2.96
N ILE D 273 7.47 -20.96 1.83
CA ILE D 273 7.34 -19.93 0.82
C ILE D 273 6.24 -20.25 -0.17
N ILE D 274 5.08 -19.62 -0.02
CA ILE D 274 3.99 -19.84 -0.95
C ILE D 274 3.48 -18.53 -1.56
N CYS D 275 4.08 -17.41 -1.17
CA CYS D 275 3.62 -16.10 -1.64
C CYS D 275 3.74 -15.87 -3.14
N GLY D 276 4.89 -16.20 -3.73
CA GLY D 276 5.10 -15.96 -5.14
C GLY D 276 6.25 -14.99 -5.37
N ILE D 277 6.59 -14.74 -6.62
CA ILE D 277 7.71 -13.86 -6.92
C ILE D 277 7.32 -12.70 -7.81
N THR D 278 7.87 -11.53 -7.54
CA THR D 278 7.56 -10.35 -8.34
C THR D 278 8.75 -9.78 -9.08
N SER D 279 9.96 -9.86 -8.52
CA SER D 279 11.16 -9.39 -9.19
C SER D 279 12.32 -10.31 -8.86
N VAL D 280 13.31 -10.34 -9.76
CA VAL D 280 14.45 -11.24 -9.60
C VAL D 280 15.67 -10.61 -10.26
N SER D 281 16.83 -10.82 -9.65
CA SER D 281 18.08 -10.31 -10.18
C SER D 281 19.24 -11.10 -9.59
N PHE D 282 20.32 -11.22 -10.35
CA PHE D 282 21.53 -11.89 -9.91
C PHE D 282 22.49 -10.91 -9.26
N SER D 283 23.49 -11.47 -8.58
CA SER D 283 24.64 -10.70 -8.13
C SER D 283 25.69 -10.65 -9.24
N LYS D 284 26.67 -9.75 -9.07
CA LYS D 284 27.65 -9.54 -10.12
C LYS D 284 28.52 -10.78 -10.32
N SER D 285 28.85 -11.48 -9.24
CA SER D 285 29.64 -12.70 -9.35
C SER D 285 28.81 -13.90 -9.78
N GLY D 286 27.48 -13.76 -9.85
CA GLY D 286 26.64 -14.87 -10.22
C GLY D 286 26.45 -15.90 -9.13
N ARG D 287 26.90 -15.63 -7.92
CA ARG D 287 26.75 -16.56 -6.81
C ARG D 287 25.39 -16.44 -6.12
N LEU D 288 24.75 -15.28 -6.20
CA LEU D 288 23.54 -15.00 -5.45
C LEU D 288 22.38 -14.68 -6.38
N LEU D 289 21.21 -15.21 -6.06
CA LEU D 289 19.98 -14.95 -6.80
C LEU D 289 19.05 -14.13 -5.91
N LEU D 290 19.18 -12.81 -6.02
CA LEU D 290 18.31 -11.90 -5.27
C LEU D 290 16.90 -12.00 -5.84
N ALA D 291 15.92 -12.25 -4.97
CA ALA D 291 14.55 -12.45 -5.42
C ALA D 291 13.59 -11.85 -4.40
N GLY D 292 12.70 -10.99 -4.87
CA GLY D 292 11.63 -10.49 -4.04
C GLY D 292 10.49 -11.47 -3.93
N TYR D 293 9.61 -11.21 -2.96
CA TYR D 293 8.51 -12.13 -2.70
C TYR D 293 7.29 -11.35 -2.24
N ASP D 294 6.10 -11.86 -2.54
CA ASP D 294 4.87 -11.16 -2.17
C ASP D 294 4.57 -11.25 -0.68
N ASP D 295 5.48 -11.83 0.08
CA ASP D 295 5.30 -11.90 1.52
C ASP D 295 6.01 -10.73 2.17
N PHE D 296 6.23 -9.67 1.40
CA PHE D 296 6.92 -8.49 1.91
C PHE D 296 8.35 -8.81 2.32
N ASN D 297 8.99 -9.73 1.60
CA ASN D 297 10.38 -10.09 1.92
C ASN D 297 11.23 -10.25 0.67
N CYS D 298 12.54 -10.40 0.85
CA CYS D 298 13.45 -10.51 -0.29
C CYS D 298 14.45 -11.62 0.05
N ASN D 299 14.25 -12.79 -0.52
CA ASN D 299 15.06 -13.96 -0.19
C ASN D 299 16.23 -14.08 -1.15
N VAL D 300 17.43 -14.22 -0.61
CA VAL D 300 18.63 -14.37 -1.44
C VAL D 300 18.99 -15.83 -1.49
N TRP D 301 19.48 -16.29 -2.64
CA TRP D 301 19.79 -17.70 -2.79
C TRP D 301 21.13 -17.94 -3.43
N ASP D 302 21.77 -19.06 -3.11
CA ASP D 302 23.01 -19.39 -3.74
C ASP D 302 22.68 -19.84 -5.14
N ALA D 303 23.12 -19.09 -6.13
CA ALA D 303 22.84 -19.44 -7.51
C ALA D 303 23.55 -20.73 -7.87
N LEU D 304 24.82 -20.84 -7.51
CA LEU D 304 25.59 -22.04 -7.82
C LEU D 304 24.93 -23.24 -7.17
N LYS D 305 24.45 -23.06 -5.95
CA LYS D 305 23.76 -24.13 -5.27
C LYS D 305 22.28 -23.84 -5.26
N ALA D 306 21.57 -24.30 -4.24
CA ALA D 306 20.16 -23.99 -4.12
C ALA D 306 19.90 -23.49 -2.72
N ASP D 307 20.98 -23.24 -1.98
CA ASP D 307 20.82 -22.81 -0.59
C ASP D 307 19.97 -21.57 -0.50
N ARG D 308 18.95 -21.62 0.34
CA ARG D 308 18.12 -20.44 0.54
C ARG D 308 18.72 -19.63 1.67
N ALA D 309 19.90 -19.07 1.45
CA ALA D 309 20.57 -18.31 2.50
C ALA D 309 20.63 -16.83 2.18
N GLY D 310 20.29 -16.00 3.15
CA GLY D 310 20.32 -14.55 2.95
C GLY D 310 18.93 -13.97 2.91
N VAL D 311 18.55 -13.27 3.97
CA VAL D 311 17.22 -12.69 4.04
C VAL D 311 17.31 -11.18 4.09
N LEU D 312 16.34 -10.50 3.48
CA LEU D 312 16.37 -9.04 3.42
C LEU D 312 14.96 -8.51 3.64
N ALA D 313 14.64 -8.24 4.91
CA ALA D 313 13.32 -7.78 5.29
C ALA D 313 13.34 -6.30 5.66
N GLY D 314 12.16 -5.71 5.75
CA GLY D 314 12.05 -4.31 6.09
C GLY D 314 11.03 -3.53 5.29
N HIS D 315 10.27 -4.20 4.43
CA HIS D 315 9.26 -3.57 3.60
C HIS D 315 7.87 -3.86 4.18
N ASP D 316 7.05 -2.82 4.26
CA ASP D 316 5.73 -2.97 4.88
C ASP D 316 4.77 -3.71 3.95
N ASN D 317 4.79 -3.38 2.67
CA ASN D 317 3.89 -3.99 1.70
C ASN D 317 4.70 -4.80 0.68
N ARG D 318 4.01 -5.29 -0.35
CA ARG D 318 4.63 -6.19 -1.32
C ARG D 318 5.81 -5.52 -2.00
N VAL D 319 6.88 -6.30 -2.21
CA VAL D 319 8.00 -5.86 -3.03
C VAL D 319 7.76 -6.34 -4.46
N SER D 320 7.83 -5.40 -5.40
CA SER D 320 7.50 -5.69 -6.79
C SER D 320 8.65 -5.47 -7.75
N CYS D 321 9.63 -4.65 -7.41
CA CYS D 321 10.74 -4.36 -8.28
C CYS D 321 12.06 -4.51 -7.52
N LEU D 322 13.06 -5.06 -8.20
CA LEU D 322 14.35 -5.36 -7.62
C LEU D 322 15.42 -5.14 -8.69
N GLY D 323 16.61 -4.74 -8.25
CA GLY D 323 17.69 -4.52 -9.18
C GLY D 323 19.03 -4.55 -8.48
N VAL D 324 20.06 -4.94 -9.21
CA VAL D 324 21.42 -5.01 -8.71
C VAL D 324 22.30 -4.13 -9.57
N THR D 325 23.08 -3.26 -8.93
CA THR D 325 23.93 -2.33 -9.65
C THR D 325 24.94 -3.08 -10.51
N ASP D 326 25.24 -2.52 -11.70
CA ASP D 326 26.25 -3.11 -12.56
C ASP D 326 27.59 -3.22 -11.86
N ASP D 327 27.92 -2.23 -11.02
CA ASP D 327 29.10 -2.34 -10.18
C ASP D 327 29.00 -3.50 -9.20
N GLY D 328 27.79 -3.95 -8.90
CA GLY D 328 27.59 -5.07 -8.00
C GLY D 328 27.64 -4.72 -6.53
N MET D 329 27.79 -3.43 -6.19
CA MET D 329 27.95 -3.06 -4.80
C MET D 329 26.68 -3.30 -4.00
N ALA D 330 25.53 -2.83 -4.50
CA ALA D 330 24.32 -2.81 -3.70
C ALA D 330 23.13 -3.31 -4.51
N VAL D 331 22.12 -3.78 -3.78
CA VAL D 331 20.85 -4.20 -4.36
C VAL D 331 19.78 -3.22 -3.93
N ALA D 332 18.81 -2.98 -4.81
CA ALA D 332 17.74 -2.03 -4.56
C ALA D 332 16.40 -2.73 -4.63
N THR D 333 15.49 -2.37 -3.71
CA THR D 333 14.14 -2.91 -3.68
C THR D 333 13.14 -1.76 -3.58
N GLY D 334 12.12 -1.81 -4.42
CA GLY D 334 11.00 -0.90 -4.30
C GLY D 334 9.73 -1.66 -3.98
N SER D 335 8.97 -1.21 -2.99
CA SER D 335 7.80 -1.93 -2.52
C SER D 335 6.56 -1.06 -2.67
N TRP D 336 5.41 -1.69 -2.45
CA TRP D 336 4.14 -0.98 -2.52
C TRP D 336 3.98 0.04 -1.41
N ASP D 337 4.85 0.01 -0.40
CA ASP D 337 4.81 0.97 0.69
C ASP D 337 5.13 2.38 0.25
N SER D 338 5.50 2.58 -1.01
CA SER D 338 5.89 3.87 -1.57
C SER D 338 7.31 4.20 -1.16
N PHE D 339 8.06 3.22 -0.68
CA PHE D 339 9.44 3.40 -0.28
C PHE D 339 10.35 2.65 -1.25
N LEU D 340 11.64 2.97 -1.16
CA LEU D 340 12.63 2.29 -1.99
C LEU D 340 13.98 2.45 -1.29
N LYS D 341 14.48 1.37 -0.72
CA LYS D 341 15.67 1.41 0.12
C LYS D 341 16.75 0.50 -0.43
N ILE D 342 18.00 0.99 -0.41
CA ILE D 342 19.13 0.30 -1.02
C ILE D 342 19.81 -0.57 0.02
N TRP D 343 20.11 -1.80 -0.35
CA TRP D 343 20.64 -2.81 0.56
C TRP D 343 22.03 -3.23 0.11
N ASN D 344 22.99 -3.16 1.02
CA ASN D 344 24.38 -3.50 0.73
C ASN D 344 25.05 -4.16 1.93
#